data_3ZR5
#
_entry.id   3ZR5
#
_cell.length_a   249.904
_cell.length_b   249.904
_cell.length_c   77.826
_cell.angle_alpha   90.00
_cell.angle_beta   90.00
_cell.angle_gamma   120.00
#
_symmetry.space_group_name_H-M   'H 3 2'
#
loop_
_entity.id
_entity.type
_entity.pdbx_description
1 polymer GALACTOCEREBROSIDASE
2 branched 2-acetamido-2-deoxy-beta-D-glucopyranose-(1-4)-2-acetamido-2-deoxy-beta-D-glucopyranose
3 non-polymer 2-acetamido-2-deoxy-beta-D-glucopyranose
4 non-polymer 'CALCIUM ION'
5 water water
#
_entity_poly.entity_id   1
_entity_poly.type   'polypeptide(L)'
_entity_poly.pdbx_seq_one_letter_code
;HHHHHHIEGHIGGAYVLDDSDGLGREFDGIGAVSGGGATSRLLVNYPEPYRSEILDYLFKPNFGASLHILKVEIGGDGQT
TDGTEPSHMHYELDENYFRGYEWWLMKEAKKRNPDIILMGLPWSFPGWLGKGFSWPYVNLQLTAYYVVRWILGAKHYHDL
DIDYIGIWNERPFDANYIKELRKMLDYQGLQRVRIIASDNLWEPISSSLLLDQELWKVVDVIGAHYPGTYTVWNAKMSGK
KLWSSEDFSTINSNVGAGCWSRILNQNYINGNMTSTIAWNLVASYYEELPYGRSGLMTAQEPWSGHYVVASPIWVSAHTT
QFTQPGWYYLKTVGHLEKGGSYVALTDGLGNLTIIIETMSHQHSMCIRPYLPYYNVSHQLATFTLKGSLREIQELQVWYT
KLGTPQQRLHFKQLDTLWLLDGSGSFTLELEEDEIFTLTTLTTGRKGSYPPPPSSKPFPTNYKDDFNVEYPLFSEAPNFA
DQTGVFEYYMNNEDREHRFTLRQVLNQRPITWAADASSTISVIGDHHWTNMTVQCDVYIETPRSGGVFIAGRVNKGGILI
RSATGVFFWIFANGSYRVTADLGGWITYASGHADVTAKRWYTLTLGIKGYFAFGMLNGTILWKNVRVKYPGHGWAAIGTH
TFEFAQFDNFRVEAAR
;
_entity_poly.pdbx_strand_id   A
#
loop_
_chem_comp.id
_chem_comp.type
_chem_comp.name
_chem_comp.formula
CA non-polymer 'CALCIUM ION' 'Ca 2'
NAG D-saccharide, beta linking 2-acetamido-2-deoxy-beta-D-glucopyranose 'C8 H15 N O6'
#
# COMPACT_ATOMS: atom_id res chain seq x y z
N GLY A 13 -19.68 26.72 22.95
CA GLY A 13 -19.38 28.05 23.45
C GLY A 13 -17.94 28.13 23.92
N ALA A 14 -17.72 27.85 25.21
CA ALA A 14 -16.37 27.78 25.78
C ALA A 14 -15.94 26.32 25.96
N TYR A 15 -14.87 25.91 25.27
CA TYR A 15 -14.37 24.55 25.44
C TYR A 15 -13.18 24.55 26.39
N VAL A 16 -13.32 23.85 27.50
CA VAL A 16 -12.27 23.77 28.49
C VAL A 16 -11.26 22.67 28.18
N LEU A 17 -9.99 23.05 28.01
CA LEU A 17 -8.90 22.09 27.91
C LEU A 17 -8.20 22.03 29.26
N ASP A 18 -8.03 20.84 29.80
CA ASP A 18 -7.51 20.69 31.15
C ASP A 18 -6.89 19.32 31.40
N ASP A 19 -5.90 19.26 32.27
CA ASP A 19 -5.26 17.99 32.62
C ASP A 19 -5.27 17.77 34.13
N SER A 20 -5.95 18.65 34.86
CA SER A 20 -5.90 18.58 36.31
C SER A 20 -6.63 17.33 36.76
N ASP A 21 -7.58 16.89 35.96
CA ASP A 21 -8.35 15.69 36.28
C ASP A 21 -7.69 14.43 35.70
N GLY A 22 -6.54 14.58 35.06
CA GLY A 22 -5.85 13.42 34.53
C GLY A 22 -5.90 13.32 33.02
N LEU A 23 -5.31 12.27 32.48
CA LEU A 23 -5.11 12.19 31.04
C LEU A 23 -6.04 11.17 30.41
N GLY A 24 -6.19 11.25 29.09
CA GLY A 24 -6.91 10.26 28.34
C GLY A 24 -5.94 9.15 27.96
N ARG A 25 -6.14 8.56 26.79
CA ARG A 25 -5.30 7.45 26.37
C ARG A 25 -3.99 7.90 25.74
N GLU A 26 -2.95 7.08 25.87
CA GLU A 26 -1.69 7.37 25.21
C GLU A 26 -1.85 7.29 23.68
N PHE A 27 -1.28 8.26 22.98
CA PHE A 27 -1.31 8.36 21.51
C PHE A 27 -0.23 7.46 20.93
N ASP A 28 -0.58 6.65 19.94
CA ASP A 28 0.37 5.66 19.45
C ASP A 28 0.97 5.99 18.11
N GLY A 29 0.44 6.99 17.40
CA GLY A 29 1.05 7.44 16.16
C GLY A 29 0.14 7.36 14.96
N ILE A 30 0.50 8.09 13.93
CA ILE A 30 -0.19 8.04 12.65
C ILE A 30 0.75 7.43 11.62
N GLY A 31 0.21 6.63 10.70
CA GLY A 31 1.03 6.07 9.65
C GLY A 31 0.28 5.63 8.43
N ALA A 32 0.92 4.79 7.63
CA ALA A 32 0.36 4.40 6.34
C ALA A 32 0.86 3.02 5.95
N VAL A 33 0.17 2.40 5.00
CA VAL A 33 0.49 1.03 4.58
C VAL A 33 1.15 1.05 3.23
N SER A 34 2.31 0.41 3.13
CA SER A 34 2.82 0.08 1.81
C SER A 34 2.57 -1.39 1.56
N GLY A 35 1.72 -1.69 0.58
CA GLY A 35 1.36 -3.07 0.33
C GLY A 35 -0.14 -3.29 0.26
N GLY A 36 -0.53 -4.55 0.04
CA GLY A 36 -1.88 -4.89 -0.34
C GLY A 36 -2.44 -4.03 -1.47
N GLY A 37 -1.83 -4.09 -2.65
CA GLY A 37 -0.64 -4.87 -2.92
C GLY A 37 0.13 -4.17 -4.03
N ALA A 38 1.45 -4.11 -3.88
CA ALA A 38 2.29 -3.47 -4.89
C ALA A 38 1.96 -1.98 -5.07
N THR A 39 1.57 -1.32 -3.98
CA THR A 39 1.21 0.07 -4.09
C THR A 39 2.47 0.93 -4.26
N SER A 40 3.63 0.41 -3.87
CA SER A 40 4.86 1.18 -4.02
C SER A 40 5.69 0.72 -5.23
N ARG A 41 5.07 -0.04 -6.12
CA ARG A 41 5.76 -0.65 -7.26
C ARG A 41 6.60 0.33 -8.14
N LEU A 42 6.05 1.49 -8.46
CA LEU A 42 6.66 2.41 -9.42
C LEU A 42 7.58 3.44 -8.75
N LEU A 43 7.76 3.34 -7.45
CA LEU A 43 8.59 4.31 -6.76
C LEU A 43 10.06 3.94 -6.80
N VAL A 44 10.36 2.65 -6.91
CA VAL A 44 11.75 2.17 -6.89
C VAL A 44 12.65 2.63 -8.06
N ASN A 45 12.05 2.87 -9.23
CA ASN A 45 12.84 3.32 -10.37
C ASN A 45 12.72 4.82 -10.65
N TYR A 46 12.25 5.60 -9.68
CA TYR A 46 12.39 7.05 -9.78
C TYR A 46 13.87 7.43 -9.81
N PRO A 47 14.27 8.32 -10.73
CA PRO A 47 15.66 8.77 -10.72
C PRO A 47 15.89 9.69 -9.52
N GLU A 48 17.16 9.87 -9.14
CA GLU A 48 17.51 10.92 -8.19
C GLU A 48 17.51 12.27 -8.88
N PRO A 49 17.22 13.33 -8.12
CA PRO A 49 17.05 13.31 -6.66
C PRO A 49 15.61 13.04 -6.25
N TYR A 50 14.72 12.87 -7.23
CA TYR A 50 13.26 12.81 -6.96
C TYR A 50 12.81 11.68 -6.05
N ARG A 51 13.39 10.49 -6.23
CA ARG A 51 13.03 9.39 -5.37
C ARG A 51 13.27 9.79 -3.91
N SER A 52 14.42 10.41 -3.66
CA SER A 52 14.80 10.85 -2.31
C SER A 52 13.88 11.96 -1.78
N GLU A 53 13.48 12.88 -2.66
CA GLU A 53 12.56 13.94 -2.28
C GLU A 53 11.19 13.37 -1.88
N ILE A 54 10.71 12.38 -2.63
CA ILE A 54 9.43 11.76 -2.33
C ILE A 54 9.51 11.13 -0.94
N LEU A 55 10.61 10.43 -0.67
CA LEU A 55 10.76 9.77 0.61
C LEU A 55 10.84 10.78 1.77
N ASP A 56 11.45 11.94 1.52
CA ASP A 56 11.50 13.00 2.52
C ASP A 56 10.12 13.56 2.85
N TYR A 57 9.32 13.80 1.82
CA TYR A 57 7.94 14.22 2.01
C TYR A 57 7.11 13.22 2.85
N LEU A 58 7.51 11.95 2.86
CA LEU A 58 6.79 10.94 3.62
C LEU A 58 7.35 10.75 5.02
N PHE A 59 8.67 10.72 5.15
CA PHE A 59 9.28 10.22 6.38
C PHE A 59 10.17 11.20 7.13
N LYS A 60 10.72 12.18 6.43
CA LYS A 60 11.59 13.13 7.08
C LYS A 60 10.80 13.95 8.12
N PRO A 61 11.27 13.94 9.38
CA PRO A 61 10.66 14.67 10.49
C PRO A 61 10.66 16.17 10.23
N ASN A 62 9.60 16.85 10.64
CA ASN A 62 9.52 18.31 10.47
C ASN A 62 9.69 18.74 9.03
N PHE A 63 8.98 18.07 8.13
CA PHE A 63 9.14 18.35 6.71
C PHE A 63 7.83 18.17 5.95
N GLY A 64 7.36 16.92 5.85
CA GLY A 64 6.15 16.62 5.11
C GLY A 64 5.21 15.86 6.03
N ALA A 65 4.72 14.71 5.58
CA ALA A 65 3.80 13.88 6.39
C ALA A 65 4.46 13.36 7.67
N SER A 66 5.79 13.26 7.68
CA SER A 66 6.52 12.99 8.92
C SER A 66 5.95 11.80 9.68
N LEU A 67 5.72 10.69 8.98
CA LEU A 67 4.93 9.58 9.53
C LEU A 67 5.58 8.89 10.72
N HIS A 68 4.76 8.50 11.69
CA HIS A 68 5.21 7.80 12.91
C HIS A 68 5.29 6.30 12.71
N ILE A 69 4.53 5.78 11.75
CA ILE A 69 4.36 4.34 11.59
C ILE A 69 4.44 3.96 10.14
N LEU A 70 5.14 2.87 9.83
CA LEU A 70 5.06 2.31 8.49
C LEU A 70 4.69 0.84 8.60
N LYS A 71 3.57 0.51 7.97
CA LYS A 71 3.06 -0.85 7.90
C LYS A 71 3.32 -1.41 6.50
N VAL A 72 3.90 -2.60 6.44
CA VAL A 72 4.18 -3.20 5.15
C VAL A 72 3.55 -4.59 5.03
N GLU A 73 3.19 -4.95 3.81
CA GLU A 73 2.77 -6.30 3.48
C GLU A 73 3.97 -7.26 3.58
N ILE A 74 3.76 -8.43 4.20
CA ILE A 74 4.72 -9.52 4.08
C ILE A 74 4.31 -10.35 2.86
N GLY A 75 4.99 -10.11 1.76
CA GLY A 75 4.59 -10.66 0.48
C GLY A 75 4.48 -12.18 0.54
N GLY A 76 3.40 -12.68 -0.05
CA GLY A 76 3.11 -14.10 -0.09
C GLY A 76 2.91 -14.63 -1.53
N ASP A 77 3.31 -13.85 -2.53
CA ASP A 77 3.29 -14.25 -3.95
C ASP A 77 1.89 -14.19 -4.61
N GLY A 78 0.85 -13.93 -3.83
CA GLY A 78 -0.48 -13.74 -4.39
C GLY A 78 -0.82 -12.29 -4.76
N GLN A 79 -1.85 -12.10 -5.57
CA GLN A 79 -2.43 -10.79 -5.88
C GLN A 79 -3.09 -10.20 -4.62
N THR A 80 -2.72 -8.97 -4.27
CA THR A 80 -3.22 -8.38 -3.03
C THR A 80 -3.84 -6.98 -3.10
N THR A 81 -4.08 -6.53 -4.33
CA THR A 81 -5.02 -5.43 -4.69
C THR A 81 -4.61 -4.69 -5.95
N ASP A 82 -3.33 -4.35 -6.07
CA ASP A 82 -2.81 -3.70 -7.28
C ASP A 82 -1.61 -4.44 -7.87
N GLY A 83 -1.50 -5.70 -7.51
CA GLY A 83 -0.38 -6.52 -7.98
C GLY A 83 -0.02 -7.59 -6.96
N THR A 84 0.98 -8.40 -7.29
CA THR A 84 1.47 -9.40 -6.37
C THR A 84 2.73 -8.86 -5.72
N GLU A 85 3.07 -9.34 -4.53
CA GLU A 85 4.38 -9.01 -3.94
C GLU A 85 5.14 -10.28 -3.63
N PRO A 86 6.43 -10.29 -3.93
CA PRO A 86 7.23 -11.52 -3.77
C PRO A 86 7.45 -11.92 -2.32
N SER A 87 7.46 -13.22 -2.09
CA SER A 87 7.69 -13.75 -0.77
C SER A 87 9.18 -14.06 -0.53
N HIS A 88 9.58 -14.14 0.74
CA HIS A 88 10.92 -14.59 1.09
C HIS A 88 11.10 -16.11 0.99
N MET A 89 9.98 -16.85 0.86
CA MET A 89 10.04 -18.31 0.61
C MET A 89 9.09 -18.77 -0.50
N HIS A 90 9.55 -18.70 -1.75
CA HIS A 90 8.73 -19.11 -2.90
C HIS A 90 8.39 -20.60 -2.78
N TYR A 91 9.35 -21.35 -2.27
CA TYR A 91 9.26 -22.81 -2.16
C TYR A 91 9.72 -23.24 -0.76
N GLU A 92 9.40 -24.47 -0.36
N GLU A 92 9.41 -24.49 -0.43
CA GLU A 92 9.64 -24.89 1.04
CA GLU A 92 10.06 -25.20 0.65
C GLU A 92 11.07 -24.71 1.60
C GLU A 92 11.60 -25.17 0.45
N LEU A 93 12.08 -24.92 0.75
N LEU A 93 12.31 -24.79 1.52
CA LEU A 93 13.48 -24.83 1.16
CA LEU A 93 13.77 -24.67 1.54
C LEU A 93 14.19 -23.67 0.46
C LEU A 93 14.31 -23.36 0.94
N ASP A 94 13.46 -22.57 0.30
CA ASP A 94 13.94 -21.35 -0.30
C ASP A 94 13.92 -20.24 0.76
N GLU A 95 15.02 -19.51 0.92
CA GLU A 95 15.00 -18.31 1.75
C GLU A 95 15.76 -17.20 1.05
N ASN A 96 15.12 -16.06 0.87
CA ASN A 96 15.79 -14.94 0.20
C ASN A 96 15.20 -13.67 0.74
N TYR A 97 16.06 -12.83 1.30
CA TYR A 97 15.57 -11.64 2.01
C TYR A 97 15.88 -10.38 1.22
N PHE A 98 15.98 -10.55 -0.09
CA PHE A 98 16.35 -9.41 -0.93
C PHE A 98 15.37 -9.19 -2.08
N ARG A 99 14.18 -9.81 -2.01
CA ARG A 99 13.20 -9.64 -3.04
C ARG A 99 12.28 -8.49 -2.75
N GLY A 100 11.70 -7.92 -3.79
CA GLY A 100 10.72 -6.86 -3.68
C GLY A 100 11.28 -5.55 -3.17
N TYR A 101 10.42 -4.68 -2.69
CA TYR A 101 10.92 -3.38 -2.33
C TYR A 101 10.59 -3.00 -0.90
N GLU A 102 9.95 -3.89 -0.13
CA GLU A 102 9.57 -3.49 1.22
C GLU A 102 10.79 -3.35 2.13
N TRP A 103 11.78 -4.21 1.96
CA TRP A 103 13.01 -4.08 2.74
C TRP A 103 13.62 -2.71 2.51
N TRP A 104 13.81 -2.38 1.24
CA TRP A 104 14.32 -1.06 0.83
C TRP A 104 13.51 0.11 1.43
N LEU A 105 12.20 0.04 1.31
CA LEU A 105 11.33 1.09 1.81
C LEU A 105 11.49 1.27 3.32
N MET A 106 11.50 0.18 4.07
CA MET A 106 11.70 0.26 5.52
C MET A 106 13.05 0.90 5.89
N LYS A 107 14.11 0.52 5.18
CA LYS A 107 15.43 1.10 5.43
C LYS A 107 15.45 2.60 5.12
N GLU A 108 14.82 3.00 4.03
CA GLU A 108 14.78 4.41 3.68
C GLU A 108 13.99 5.18 4.75
N ALA A 109 12.96 4.56 5.31
CA ALA A 109 12.16 5.21 6.34
C ALA A 109 12.96 5.35 7.63
N LYS A 110 13.68 4.31 8.02
CA LYS A 110 14.51 4.35 9.23
C LYS A 110 15.68 5.33 9.10
N LYS A 111 16.25 5.44 7.91
CA LYS A 111 17.30 6.44 7.73
C LYS A 111 16.76 7.81 8.05
N ARG A 112 15.55 8.12 7.60
CA ARG A 112 14.99 9.44 7.83
C ARG A 112 14.49 9.63 9.26
N ASN A 113 13.95 8.57 9.83
CA ASN A 113 13.40 8.61 11.18
C ASN A 113 13.66 7.30 11.92
N PRO A 114 14.78 7.24 12.65
CA PRO A 114 15.22 6.06 13.41
C PRO A 114 14.15 5.58 14.38
N ASP A 115 13.26 6.49 14.77
CA ASP A 115 12.20 6.14 15.71
C ASP A 115 10.90 5.69 15.05
N ILE A 116 10.87 5.57 13.72
CA ILE A 116 9.63 5.16 13.07
C ILE A 116 9.27 3.75 13.51
N ILE A 117 7.97 3.50 13.66
CA ILE A 117 7.48 2.21 14.12
C ILE A 117 7.15 1.31 12.92
N LEU A 118 7.72 0.10 12.89
CA LEU A 118 7.55 -0.81 11.76
C LEU A 118 6.57 -1.95 12.07
N MET A 119 5.65 -2.21 11.15
CA MET A 119 4.69 -3.31 11.28
C MET A 119 4.69 -4.17 10.03
N GLY A 120 4.50 -5.46 10.20
CA GLY A 120 4.34 -6.39 9.08
C GLY A 120 3.05 -7.19 9.18
N LEU A 121 2.44 -7.51 8.05
CA LEU A 121 1.18 -8.28 8.02
C LEU A 121 1.12 -9.07 6.72
N PRO A 122 0.81 -10.37 6.78
CA PRO A 122 0.57 -11.14 5.55
C PRO A 122 -0.82 -10.91 4.94
N TRP A 123 -0.92 -10.82 3.62
CA TRP A 123 -2.21 -10.86 2.91
C TRP A 123 -2.36 -12.24 2.27
N SER A 124 -1.29 -12.74 1.66
CA SER A 124 -1.35 -14.02 0.99
C SER A 124 -0.17 -14.85 1.44
N PHE A 125 -0.13 -16.15 1.12
CA PHE A 125 0.99 -17.00 1.53
C PHE A 125 1.36 -17.86 0.36
N PRO A 126 2.64 -18.30 0.27
CA PRO A 126 3.00 -19.27 -0.78
C PRO A 126 2.19 -20.55 -0.65
N GLY A 127 1.88 -21.17 -1.78
CA GLY A 127 1.04 -22.37 -1.78
C GLY A 127 1.60 -23.54 -0.98
N TRP A 128 2.92 -23.73 -1.00
CA TRP A 128 3.50 -24.86 -0.26
C TRP A 128 3.15 -24.84 1.24
N LEU A 129 2.88 -23.67 1.84
CA LEU A 129 2.49 -23.65 3.27
C LEU A 129 1.14 -24.33 3.53
N GLY A 130 0.35 -24.48 2.48
CA GLY A 130 -0.97 -25.08 2.63
C GLY A 130 -0.95 -26.60 2.58
N LYS A 131 0.18 -27.18 2.20
CA LYS A 131 0.33 -28.64 2.14
C LYS A 131 -0.82 -29.31 1.40
N GLY A 132 -1.20 -28.77 0.25
CA GLY A 132 -2.28 -29.36 -0.53
C GLY A 132 -3.65 -28.74 -0.37
N PHE A 133 -3.79 -27.78 0.55
CA PHE A 133 -5.04 -27.03 0.72
C PHE A 133 -4.75 -25.54 0.66
N SER A 134 -5.76 -24.73 0.43
CA SER A 134 -5.53 -23.29 0.31
C SER A 134 -5.82 -22.63 1.65
N TRP A 135 -5.20 -23.13 2.69
CA TRP A 135 -5.48 -22.72 4.06
C TRP A 135 -4.21 -22.66 4.88
N PRO A 136 -3.95 -21.50 5.49
CA PRO A 136 -2.68 -21.33 6.24
C PRO A 136 -2.74 -21.89 7.66
N TYR A 137 -3.89 -22.42 8.10
CA TYR A 137 -3.95 -22.91 9.46
C TYR A 137 -3.88 -24.44 9.57
N VAL A 138 -3.52 -25.11 8.47
CA VAL A 138 -3.38 -26.57 8.47
C VAL A 138 -2.23 -26.97 9.40
N ASN A 139 -1.11 -26.29 9.28
CA ASN A 139 0.03 -26.57 10.14
C ASN A 139 0.43 -25.26 10.82
N LEU A 140 -0.08 -25.05 12.02
CA LEU A 140 0.16 -23.80 12.75
C LEU A 140 1.64 -23.46 12.86
N GLN A 141 2.44 -24.44 13.28
CA GLN A 141 3.86 -24.22 13.52
C GLN A 141 4.53 -23.83 12.23
N LEU A 142 4.13 -24.45 11.12
CA LEU A 142 4.73 -24.12 9.83
C LEU A 142 4.46 -22.67 9.42
N THR A 143 3.21 -22.23 9.50
CA THR A 143 2.90 -20.85 9.13
C THR A 143 3.61 -19.87 10.07
N ALA A 144 3.64 -20.18 11.36
CA ALA A 144 4.32 -19.30 12.31
C ALA A 144 5.80 -19.21 11.99
N TYR A 145 6.41 -20.34 11.66
CA TYR A 145 7.81 -20.38 11.31
C TYR A 145 8.09 -19.48 10.09
N TYR A 146 7.22 -19.56 9.09
CA TYR A 146 7.34 -18.69 7.90
C TYR A 146 7.33 -17.21 8.30
N VAL A 147 6.35 -16.81 9.09
CA VAL A 147 6.24 -15.40 9.47
C VAL A 147 7.43 -14.97 10.32
N VAL A 148 7.81 -15.79 11.27
CA VAL A 148 8.90 -15.39 12.15
C VAL A 148 10.23 -15.30 11.37
N ARG A 149 10.43 -16.15 10.36
CA ARG A 149 11.65 -16.07 9.54
C ARG A 149 11.76 -14.68 8.92
N TRP A 150 10.62 -14.13 8.50
CA TRP A 150 10.59 -12.80 7.93
C TRP A 150 11.10 -11.76 8.94
N ILE A 151 10.66 -11.88 10.19
CA ILE A 151 11.02 -10.88 11.19
C ILE A 151 12.53 -11.00 11.49
N LEU A 152 13.01 -12.24 11.61
CA LEU A 152 14.42 -12.49 11.84
C LEU A 152 15.28 -11.93 10.69
N GLY A 153 14.81 -12.15 9.46
CA GLY A 153 15.55 -11.72 8.29
C GLY A 153 15.66 -10.22 8.27
N ALA A 154 14.55 -9.56 8.58
CA ALA A 154 14.53 -8.11 8.70
C ALA A 154 15.68 -7.59 9.57
N LYS A 155 15.89 -8.26 10.70
CA LYS A 155 16.94 -7.87 11.63
C LYS A 155 18.30 -8.24 11.07
N HIS A 156 18.44 -9.50 10.65
CA HIS A 156 19.75 -10.02 10.29
C HIS A 156 20.30 -9.46 8.98
N TYR A 157 19.42 -9.18 8.02
CA TYR A 157 19.89 -8.73 6.70
C TYR A 157 19.81 -7.24 6.51
N HIS A 158 18.88 -6.58 7.21
CA HIS A 158 18.63 -5.17 6.99
C HIS A 158 18.76 -4.31 8.25
N ASP A 159 19.00 -4.96 9.38
CA ASP A 159 19.13 -4.24 10.64
C ASP A 159 17.83 -3.52 11.03
N LEU A 160 16.71 -4.14 10.72
CA LEU A 160 15.38 -3.61 11.01
C LEU A 160 14.76 -4.36 12.16
N ASP A 161 14.26 -3.62 13.14
CA ASP A 161 13.48 -4.21 14.21
C ASP A 161 12.00 -4.07 13.89
N ILE A 162 11.31 -5.18 13.71
CA ILE A 162 9.88 -5.08 13.44
C ILE A 162 9.19 -4.94 14.79
N ASP A 163 8.34 -3.94 14.94
CA ASP A 163 7.67 -3.71 16.21
C ASP A 163 6.36 -4.48 16.37
N TYR A 164 5.59 -4.59 15.30
CA TYR A 164 4.31 -5.30 15.41
C TYR A 164 4.15 -6.27 14.27
N ILE A 165 3.55 -7.42 14.58
CA ILE A 165 3.22 -8.44 13.60
C ILE A 165 1.71 -8.73 13.69
N GLY A 166 1.07 -8.83 12.54
CA GLY A 166 -0.33 -9.15 12.47
C GLY A 166 -0.53 -10.61 12.07
N ILE A 167 -1.77 -10.93 11.72
CA ILE A 167 -2.20 -12.31 11.59
C ILE A 167 -2.46 -12.62 10.12
N TRP A 168 -3.66 -12.30 9.64
CA TRP A 168 -3.97 -12.54 8.22
C TRP A 168 -4.96 -11.49 7.74
N ASN A 169 -4.48 -10.59 6.86
CA ASN A 169 -5.22 -9.38 6.52
C ASN A 169 -6.66 -9.63 6.11
N GLU A 170 -7.59 -9.07 6.87
CA GLU A 170 -9.02 -9.19 6.58
C GLU A 170 -9.52 -10.63 6.36
N ARG A 171 -8.94 -11.60 7.05
CA ARG A 171 -9.30 -13.01 6.85
C ARG A 171 -9.41 -13.64 8.21
N PRO A 172 -10.00 -14.83 8.31
CA PRO A 172 -10.21 -15.29 9.68
C PRO A 172 -8.91 -15.52 10.41
N PHE A 173 -8.97 -15.38 11.73
CA PHE A 173 -7.83 -15.74 12.55
C PHE A 173 -8.11 -17.10 13.18
N ASP A 174 -7.06 -17.72 13.70
CA ASP A 174 -7.19 -18.94 14.48
C ASP A 174 -6.54 -18.63 15.82
N ALA A 175 -7.27 -18.83 16.91
CA ALA A 175 -6.74 -18.47 18.24
C ALA A 175 -5.46 -19.27 18.57
N ASN A 176 -5.46 -20.54 18.18
CA ASN A 176 -4.29 -21.36 18.41
C ASN A 176 -3.08 -20.91 17.61
N TYR A 177 -3.34 -20.36 16.43
CA TYR A 177 -2.27 -19.77 15.64
C TYR A 177 -1.64 -18.59 16.37
N ILE A 178 -2.49 -17.73 16.90
CA ILE A 178 -1.99 -16.55 17.58
C ILE A 178 -1.13 -16.99 18.77
N LYS A 179 -1.61 -17.95 19.55
CA LYS A 179 -0.80 -18.49 20.65
C LYS A 179 0.54 -19.10 20.20
N GLU A 180 0.51 -19.89 19.11
CA GLU A 180 1.72 -20.50 18.57
CA GLU A 180 1.72 -20.49 18.60
C GLU A 180 2.69 -19.44 18.04
N LEU A 181 2.15 -18.44 17.33
CA LEU A 181 2.99 -17.32 16.88
C LEU A 181 3.69 -16.65 18.07
N ARG A 182 2.97 -16.41 19.17
CA ARG A 182 3.60 -15.78 20.37
C ARG A 182 4.74 -16.65 20.94
N LYS A 183 4.45 -17.94 21.11
CA LYS A 183 5.42 -18.90 21.60
C LYS A 183 6.65 -19.01 20.69
N MET A 184 6.39 -18.99 19.39
CA MET A 184 7.46 -19.05 18.39
C MET A 184 8.31 -17.77 18.38
N LEU A 185 7.68 -16.60 18.50
CA LEU A 185 8.42 -15.34 18.64
C LEU A 185 9.32 -15.39 19.87
N ASP A 186 8.78 -15.89 20.98
CA ASP A 186 9.56 -15.88 22.22
C ASP A 186 10.74 -16.86 22.13
N TYR A 187 10.49 -18.04 21.55
CA TYR A 187 11.53 -19.04 21.37
C TYR A 187 12.70 -18.52 20.54
N GLN A 188 12.42 -17.63 19.61
CA GLN A 188 13.43 -17.05 18.77
C GLN A 188 13.98 -15.72 19.32
N GLY A 189 13.71 -15.39 20.57
CA GLY A 189 14.27 -14.17 21.16
C GLY A 189 13.64 -12.87 20.68
N LEU A 190 12.36 -12.95 20.32
CA LEU A 190 11.64 -11.79 19.83
C LEU A 190 10.51 -11.47 20.79
N GLN A 191 10.78 -11.65 22.08
CA GLN A 191 9.85 -11.23 23.12
C GLN A 191 9.39 -9.81 22.90
N ARG A 192 10.22 -8.99 22.30
CA ARG A 192 9.91 -7.58 22.08
C ARG A 192 8.87 -7.27 20.97
N VAL A 193 8.64 -8.22 20.08
CA VAL A 193 7.72 -7.97 18.99
C VAL A 193 6.34 -8.09 19.58
N ARG A 194 5.45 -7.15 19.27
CA ARG A 194 4.07 -7.21 19.74
C ARG A 194 3.11 -7.69 18.66
N ILE A 195 1.97 -8.25 19.07
CA ILE A 195 1.00 -8.82 18.16
C ILE A 195 -0.27 -7.95 18.06
N ILE A 196 -0.69 -7.66 16.84
CA ILE A 196 -1.91 -6.90 16.60
C ILE A 196 -2.89 -7.84 15.89
N ALA A 197 -4.15 -7.84 16.35
CA ALA A 197 -5.14 -8.73 15.76
C ALA A 197 -6.49 -8.02 15.66
N SER A 198 -7.33 -8.38 14.67
CA SER A 198 -6.99 -9.40 13.69
C SER A 198 -7.04 -8.77 12.29
N ASP A 199 -6.88 -7.44 12.23
CA ASP A 199 -6.92 -6.70 10.99
C ASP A 199 -8.15 -7.04 10.17
N ASN A 200 -9.30 -7.02 10.83
CA ASN A 200 -10.58 -7.27 10.15
C ASN A 200 -11.64 -6.39 10.84
N LEU A 201 -12.72 -6.99 11.35
CA LEU A 201 -13.71 -6.23 12.09
C LEU A 201 -13.45 -6.32 13.60
N TRP A 202 -14.23 -5.59 14.41
CA TRP A 202 -14.06 -5.67 15.87
C TRP A 202 -14.34 -7.06 16.40
N GLU A 203 -15.28 -7.75 15.75
CA GLU A 203 -15.61 -9.15 16.07
C GLU A 203 -15.16 -10.10 14.94
N PRO A 204 -14.77 -11.34 15.30
CA PRO A 204 -14.87 -11.91 16.64
C PRO A 204 -13.67 -11.67 17.57
N ILE A 205 -12.66 -10.91 17.17
CA ILE A 205 -11.48 -10.81 18.03
C ILE A 205 -11.83 -10.24 19.41
N SER A 206 -12.70 -9.22 19.43
CA SER A 206 -12.97 -8.51 20.68
C SER A 206 -13.66 -9.39 21.72
N SER A 207 -14.73 -10.10 21.35
CA SER A 207 -15.35 -11.06 22.30
C SER A 207 -14.42 -12.21 22.67
N SER A 208 -13.64 -12.70 21.71
CA SER A 208 -12.67 -13.75 21.98
C SER A 208 -11.68 -13.40 23.09
N LEU A 209 -11.16 -12.18 23.04
CA LEU A 209 -10.25 -11.70 24.07
C LEU A 209 -10.87 -11.69 25.49
N LEU A 210 -12.17 -11.45 25.59
CA LEU A 210 -12.84 -11.37 26.89
C LEU A 210 -13.14 -12.74 27.48
N LEU A 211 -13.18 -13.74 26.61
CA LEU A 211 -13.57 -15.08 27.03
C LEU A 211 -12.37 -15.99 27.30
N ASP A 212 -11.18 -15.57 26.86
CA ASP A 212 -10.02 -16.46 26.82
C ASP A 212 -8.84 -15.67 27.34
N GLN A 213 -8.56 -15.88 28.61
CA GLN A 213 -7.47 -15.19 29.27
C GLN A 213 -6.13 -15.45 28.54
N GLU A 214 -5.90 -16.68 28.11
CA GLU A 214 -4.64 -16.98 27.45
C GLU A 214 -4.51 -16.20 26.15
N LEU A 215 -5.60 -16.02 25.40
CA LEU A 215 -5.57 -15.18 24.19
C LEU A 215 -5.31 -13.72 24.52
N TRP A 216 -6.03 -13.22 25.52
CA TRP A 216 -5.87 -11.86 25.98
C TRP A 216 -4.41 -11.56 26.33
N LYS A 217 -3.74 -12.47 27.03
CA LYS A 217 -2.33 -12.25 27.37
C LYS A 217 -1.41 -12.09 26.14
N VAL A 218 -1.75 -12.72 25.00
CA VAL A 218 -0.83 -12.68 23.87
C VAL A 218 -1.14 -11.61 22.81
N VAL A 219 -2.31 -10.97 22.89
CA VAL A 219 -2.67 -9.94 21.93
C VAL A 219 -2.43 -8.57 22.55
N ASP A 220 -1.59 -7.76 21.92
CA ASP A 220 -1.26 -6.46 22.48
C ASP A 220 -2.15 -5.32 21.99
N VAL A 221 -2.66 -5.44 20.75
CA VAL A 221 -3.40 -4.34 20.13
C VAL A 221 -4.57 -4.92 19.33
N ILE A 222 -5.77 -4.33 19.45
CA ILE A 222 -6.85 -4.70 18.54
C ILE A 222 -6.85 -3.73 17.39
N GLY A 223 -6.57 -4.23 16.19
CA GLY A 223 -6.55 -3.37 15.02
C GLY A 223 -7.76 -3.63 14.15
N ALA A 224 -8.60 -2.63 13.94
CA ALA A 224 -9.79 -2.81 13.13
C ALA A 224 -9.67 -2.08 11.78
N HIS A 225 -10.30 -2.61 10.74
CA HIS A 225 -10.30 -1.94 9.43
C HIS A 225 -11.54 -1.10 9.15
N TYR A 226 -11.34 0.09 8.60
CA TYR A 226 -12.45 0.96 8.19
C TYR A 226 -13.59 0.98 9.20
N PRO A 227 -13.30 1.32 10.45
CA PRO A 227 -14.32 1.29 11.50
C PRO A 227 -15.32 2.47 11.46
N GLY A 228 -15.19 3.43 10.53
CA GLY A 228 -16.12 4.55 10.50
C GLY A 228 -16.11 5.42 11.78
N THR A 229 -14.95 5.48 12.43
CA THR A 229 -14.68 6.28 13.64
C THR A 229 -15.16 5.64 14.95
N TYR A 230 -15.88 4.51 14.84
CA TYR A 230 -16.47 3.89 16.03
C TYR A 230 -15.78 2.59 16.41
N THR A 231 -15.82 2.26 17.71
CA THR A 231 -15.43 0.93 18.17
C THR A 231 -16.67 0.18 18.73
N VAL A 232 -16.49 -0.87 19.51
CA VAL A 232 -17.63 -1.61 20.10
C VAL A 232 -17.38 -1.85 21.57
N TRP A 233 -18.44 -2.13 22.32
CA TRP A 233 -18.30 -2.25 23.78
C TRP A 233 -17.26 -3.32 24.17
N ASN A 234 -17.27 -4.48 23.52
CA ASN A 234 -16.32 -5.53 23.92
C ASN A 234 -14.85 -5.06 23.78
N ALA A 235 -14.56 -4.26 22.76
CA ALA A 235 -13.19 -3.74 22.57
C ALA A 235 -12.77 -2.78 23.69
N LYS A 236 -13.67 -1.85 24.06
CA LYS A 236 -13.39 -0.95 25.18
C LYS A 236 -13.16 -1.77 26.45
N MET A 237 -13.98 -2.80 26.66
CA MET A 237 -13.85 -3.64 27.84
C MET A 237 -12.51 -4.38 27.96
N SER A 238 -11.89 -4.70 26.83
CA SER A 238 -10.67 -5.50 26.82
C SER A 238 -9.52 -4.75 27.44
N GLY A 239 -9.58 -3.43 27.42
CA GLY A 239 -8.50 -2.60 27.92
C GLY A 239 -7.29 -2.58 26.99
N LYS A 240 -7.41 -3.19 25.81
CA LYS A 240 -6.34 -3.15 24.81
C LYS A 240 -6.25 -1.79 24.09
N LYS A 241 -5.06 -1.46 23.60
CA LYS A 241 -4.95 -0.36 22.65
C LYS A 241 -5.82 -0.72 21.45
N LEU A 242 -6.57 0.26 20.94
CA LEU A 242 -7.44 0.10 19.76
C LEU A 242 -6.92 0.98 18.65
N TRP A 243 -6.70 0.41 17.47
CA TRP A 243 -6.13 1.14 16.35
C TRP A 243 -7.02 0.96 15.17
N SER A 244 -7.14 2.00 14.38
CA SER A 244 -7.66 1.84 13.05
C SER A 244 -6.46 1.42 12.19
N SER A 245 -6.26 0.11 12.05
CA SER A 245 -5.02 -0.38 11.44
C SER A 245 -5.05 -0.34 9.90
N GLU A 246 -6.20 0.02 9.36
CA GLU A 246 -6.31 0.31 7.93
C GLU A 246 -7.53 1.20 7.70
N ASP A 247 -7.31 2.36 7.08
CA ASP A 247 -8.39 3.32 6.83
C ASP A 247 -8.08 4.11 5.56
N PHE A 248 -8.84 5.17 5.30
CA PHE A 248 -8.57 6.11 4.16
C PHE A 248 -8.97 5.54 2.80
N SER A 249 -8.00 5.16 1.97
CA SER A 249 -8.32 4.48 0.71
C SER A 249 -9.25 5.32 -0.21
N THR A 250 -9.06 6.63 -0.22
CA THR A 250 -9.86 7.53 -1.07
C THR A 250 -8.93 8.29 -2.01
N ILE A 251 -9.43 8.66 -3.19
CA ILE A 251 -8.63 9.45 -4.12
C ILE A 251 -8.05 10.66 -3.41
N ASN A 252 -6.73 10.88 -3.55
CA ASN A 252 -6.08 11.95 -2.81
C ASN A 252 -6.27 13.36 -3.36
N SER A 253 -7.48 13.67 -3.82
CA SER A 253 -7.86 15.05 -4.14
C SER A 253 -8.18 15.78 -2.83
N ASN A 254 -8.70 16.99 -2.92
CA ASN A 254 -9.11 17.69 -1.70
C ASN A 254 -10.14 16.91 -0.86
N VAL A 255 -11.02 16.14 -1.50
CA VAL A 255 -12.00 15.36 -0.75
C VAL A 255 -11.36 14.27 0.11
N GLY A 256 -10.39 13.55 -0.46
CA GLY A 256 -9.63 12.57 0.29
C GLY A 256 -8.91 13.19 1.48
N ALA A 257 -8.34 14.37 1.27
CA ALA A 257 -7.65 15.05 2.36
C ALA A 257 -8.66 15.43 3.46
N GLY A 258 -9.88 15.76 3.06
CA GLY A 258 -10.93 16.08 4.02
C GLY A 258 -11.29 14.88 4.87
N CYS A 259 -11.54 13.77 4.19
CA CYS A 259 -11.78 12.47 4.84
C CYS A 259 -10.69 12.16 5.87
N TRP A 260 -9.43 12.27 5.42
CA TRP A 260 -8.26 11.97 6.26
C TRP A 260 -8.30 12.90 7.46
N SER A 261 -8.42 14.19 7.20
CA SER A 261 -8.45 15.14 8.30
C SER A 261 -9.50 14.78 9.36
N ARG A 262 -10.71 14.48 8.90
CA ARG A 262 -11.83 14.21 9.79
C ARG A 262 -11.60 12.97 10.67
N ILE A 263 -11.21 11.86 10.03
CA ILE A 263 -11.02 10.62 10.77
C ILE A 263 -9.82 10.66 11.71
N LEU A 264 -8.76 11.40 11.34
CA LEU A 264 -7.62 11.52 12.26
C LEU A 264 -8.03 11.98 13.65
N ASN A 265 -8.86 13.04 13.71
CA ASN A 265 -9.45 13.48 14.98
C ASN A 265 -10.51 12.52 15.51
N GLN A 266 -11.48 12.16 14.66
CA GLN A 266 -12.66 11.47 15.18
C GLN A 266 -12.50 9.97 15.50
N ASN A 267 -11.50 9.32 14.92
CA ASN A 267 -11.17 7.97 15.36
C ASN A 267 -10.91 7.93 16.87
N TYR A 268 -10.20 8.92 17.39
CA TYR A 268 -10.00 8.97 18.84
C TYR A 268 -11.26 9.45 19.58
N ILE A 269 -11.88 10.51 19.09
CA ILE A 269 -12.99 11.11 19.80
C ILE A 269 -14.16 10.13 19.91
N ASN A 270 -14.51 9.50 18.78
CA ASN A 270 -15.70 8.66 18.74
C ASN A 270 -15.38 7.23 19.09
N GLY A 271 -14.15 6.78 18.80
CA GLY A 271 -13.84 5.36 18.88
C GLY A 271 -12.70 4.93 19.80
N ASN A 272 -12.16 5.85 20.59
CA ASN A 272 -11.07 5.51 21.50
C ASN A 272 -9.82 4.95 20.78
N MET A 273 -9.73 5.16 19.48
CA MET A 273 -8.61 4.65 18.69
C MET A 273 -7.44 5.60 18.77
N THR A 274 -6.29 5.06 19.17
CA THR A 274 -5.13 5.87 19.46
C THR A 274 -4.08 5.80 18.37
N SER A 275 -4.44 5.19 17.26
CA SER A 275 -3.61 5.23 16.07
C SER A 275 -4.48 5.08 14.83
N THR A 276 -4.12 5.73 13.74
CA THR A 276 -4.84 5.51 12.49
C THR A 276 -3.78 5.29 11.42
N ILE A 277 -4.02 4.30 10.55
CA ILE A 277 -3.04 3.97 9.50
C ILE A 277 -3.74 4.00 8.16
N ALA A 278 -3.28 4.88 7.27
CA ALA A 278 -3.87 5.00 5.93
C ALA A 278 -3.39 3.95 4.94
N TRP A 279 -4.32 3.32 4.23
CA TRP A 279 -4.00 2.67 2.95
C TRP A 279 -4.25 3.68 1.83
N ASN A 280 -3.22 4.10 1.07
CA ASN A 280 -1.86 3.61 1.21
C ASN A 280 -0.85 4.74 1.29
N LEU A 281 0.41 4.39 1.52
CA LEU A 281 1.46 5.37 1.73
C LEU A 281 1.66 6.32 0.55
N VAL A 282 1.77 5.79 -0.66
CA VAL A 282 2.02 6.62 -1.85
C VAL A 282 1.45 5.92 -3.06
N ALA A 283 0.74 6.63 -3.91
CA ALA A 283 0.21 5.97 -5.09
C ALA A 283 1.29 5.86 -6.19
N SER A 284 2.05 4.77 -6.07
CA SER A 284 3.05 4.40 -7.05
C SER A 284 2.65 3.10 -7.76
N TYR A 285 1.46 3.11 -8.33
CA TYR A 285 1.00 1.97 -9.12
C TYR A 285 0.13 2.59 -10.22
N TYR A 286 0.00 1.91 -11.35
CA TYR A 286 -0.78 2.44 -12.46
C TYR A 286 -2.18 2.85 -12.01
N GLU A 287 -2.63 4.04 -12.41
CA GLU A 287 -3.87 4.62 -11.87
C GLU A 287 -5.14 3.88 -12.25
N GLU A 288 -5.08 3.18 -13.38
CA GLU A 288 -6.22 2.40 -13.87
C GLU A 288 -6.36 1.05 -13.12
N LEU A 289 -5.39 0.77 -12.25
CA LEU A 289 -5.52 -0.39 -11.37
C LEU A 289 -6.54 -0.03 -10.28
N PRO A 290 -7.09 -1.03 -9.56
CA PRO A 290 -8.10 -0.75 -8.52
C PRO A 290 -7.67 0.32 -7.49
N TYR A 291 -8.60 1.23 -7.18
CA TYR A 291 -8.39 2.30 -6.22
C TYR A 291 -7.20 3.20 -6.56
N GLY A 292 -7.13 3.63 -7.81
CA GLY A 292 -6.00 4.44 -8.29
C GLY A 292 -5.89 5.77 -7.58
N ARG A 293 -4.66 6.24 -7.37
CA ARG A 293 -4.42 7.54 -6.74
C ARG A 293 -4.97 7.66 -5.31
N SER A 294 -4.88 6.57 -4.54
CA SER A 294 -5.33 6.57 -3.15
C SER A 294 -4.18 6.49 -2.13
N GLY A 295 -3.09 7.17 -2.41
CA GLY A 295 -2.00 7.28 -1.46
C GLY A 295 -1.98 8.67 -0.85
N LEU A 296 -1.19 8.87 0.21
CA LEU A 296 -1.10 10.19 0.80
C LEU A 296 -0.56 11.19 -0.25
N MET A 297 0.30 10.72 -1.14
CA MET A 297 0.69 11.49 -2.33
C MET A 297 0.76 10.55 -3.52
N THR A 298 1.18 11.11 -4.66
CA THR A 298 1.17 10.42 -5.94
C THR A 298 2.55 10.42 -6.57
N ALA A 299 3.04 9.26 -6.96
CA ALA A 299 4.34 9.14 -7.62
C ALA A 299 4.26 7.98 -8.59
N GLN A 300 3.53 8.17 -9.67
CA GLN A 300 3.22 7.08 -10.58
C GLN A 300 3.87 7.22 -11.96
N GLU A 301 4.95 7.99 -12.04
CA GLU A 301 5.67 8.17 -13.31
C GLU A 301 7.19 8.16 -13.11
N PRO A 302 7.75 7.00 -12.82
CA PRO A 302 9.22 6.99 -12.67
C PRO A 302 9.96 7.37 -13.99
N TRP A 303 9.36 7.12 -15.15
CA TRP A 303 9.97 7.51 -16.44
C TRP A 303 10.16 9.03 -16.58
N SER A 304 9.26 9.83 -16.02
CA SER A 304 9.36 11.29 -16.13
C SER A 304 9.94 11.97 -14.87
N GLY A 305 9.76 11.32 -13.72
CA GLY A 305 10.18 11.90 -12.45
C GLY A 305 9.10 12.77 -11.84
N HIS A 306 7.99 12.91 -12.54
CA HIS A 306 6.89 13.72 -12.05
C HIS A 306 6.20 13.03 -10.87
N TYR A 307 6.06 13.76 -9.76
CA TYR A 307 5.25 13.30 -8.62
C TYR A 307 4.39 14.46 -8.14
N VAL A 308 3.37 14.18 -7.36
CA VAL A 308 2.49 15.24 -6.85
C VAL A 308 2.40 15.16 -5.34
N VAL A 309 2.80 16.22 -4.65
CA VAL A 309 2.65 16.29 -3.20
C VAL A 309 1.20 16.66 -2.85
N ALA A 310 0.37 15.66 -2.63
CA ALA A 310 -1.08 15.93 -2.54
C ALA A 310 -1.53 16.42 -1.17
N SER A 311 -2.73 17.01 -1.14
CA SER A 311 -3.33 17.54 0.09
C SER A 311 -3.14 16.65 1.34
N PRO A 312 -3.31 15.31 1.17
CA PRO A 312 -3.28 14.48 2.38
C PRO A 312 -1.94 14.58 3.12
N ILE A 313 -0.84 14.80 2.39
CA ILE A 313 0.46 15.06 3.02
C ILE A 313 0.39 16.17 4.09
N TRP A 314 -0.26 17.29 3.78
CA TRP A 314 -0.29 18.41 4.71
C TRP A 314 -1.29 18.18 5.84
N VAL A 315 -2.39 17.51 5.53
CA VAL A 315 -3.32 17.14 6.57
C VAL A 315 -2.61 16.27 7.61
N SER A 316 -1.84 15.28 7.16
CA SER A 316 -1.01 14.48 8.07
C SER A 316 -0.13 15.36 8.96
N ALA A 317 0.59 16.29 8.31
CA ALA A 317 1.50 17.19 9.02
C ALA A 317 0.85 17.90 10.22
N HIS A 318 -0.41 18.32 10.05
CA HIS A 318 -1.10 19.05 11.09
C HIS A 318 -1.15 18.25 12.39
N THR A 319 -0.93 16.93 12.29
CA THR A 319 -0.90 16.08 13.47
C THR A 319 0.50 15.54 13.76
N THR A 320 1.14 14.99 12.74
CA THR A 320 2.39 14.27 12.95
C THR A 320 3.59 15.13 13.34
N GLN A 321 3.65 16.34 12.80
CA GLN A 321 4.77 17.26 13.15
C GLN A 321 4.67 17.76 14.58
N PHE A 322 3.45 17.70 15.13
CA PHE A 322 3.20 18.33 16.43
C PHE A 322 2.80 17.36 17.51
N THR A 323 2.88 16.05 17.22
CA THR A 323 2.66 15.00 18.22
C THR A 323 3.65 13.89 17.94
N GLN A 324 3.96 13.09 18.96
CA GLN A 324 4.75 11.86 18.80
C GLN A 324 4.16 10.68 19.57
N PRO A 325 4.33 9.44 19.03
CA PRO A 325 3.94 8.26 19.82
C PRO A 325 4.40 8.45 21.27
N GLY A 326 3.51 8.23 22.24
CA GLY A 326 3.92 8.40 23.62
C GLY A 326 3.43 9.68 24.27
N TRP A 327 3.00 10.67 23.48
CA TRP A 327 2.23 11.78 24.03
C TRP A 327 0.92 11.20 24.54
N TYR A 328 0.16 11.99 25.30
CA TYR A 328 -1.19 11.59 25.73
C TYR A 328 -2.31 12.50 25.23
N TYR A 329 -3.44 11.90 24.89
CA TYR A 329 -4.65 12.67 24.67
C TYR A 329 -5.13 13.24 26.02
N LEU A 330 -5.65 14.47 25.98
CA LEU A 330 -6.33 15.01 27.14
C LEU A 330 -7.68 14.35 27.26
N LYS A 331 -8.28 14.38 28.45
CA LYS A 331 -9.65 13.93 28.57
C LYS A 331 -10.59 14.89 27.82
N THR A 332 -10.18 16.15 27.70
CA THR A 332 -11.02 17.19 27.08
C THR A 332 -10.80 17.30 25.57
N VAL A 333 -11.52 16.47 24.82
CA VAL A 333 -11.54 16.52 23.37
C VAL A 333 -13.01 16.37 23.01
N GLY A 334 -13.44 16.80 21.82
CA GLY A 334 -14.84 16.69 21.48
C GLY A 334 -15.27 17.27 20.15
N HIS A 335 -16.58 17.32 19.93
CA HIS A 335 -17.16 17.98 18.77
C HIS A 335 -17.40 19.47 19.04
N LEU A 336 -17.26 20.28 18.00
CA LEU A 336 -17.59 21.69 18.12
C LEU A 336 -19.09 21.88 17.92
N GLU A 337 -19.65 22.86 18.61
CA GLU A 337 -21.10 23.08 18.63
C GLU A 337 -21.73 23.07 17.23
N LYS A 338 -21.09 23.75 16.27
CA LYS A 338 -21.64 23.86 14.92
C LYS A 338 -21.00 22.88 13.89
N GLY A 339 -20.42 21.79 14.39
CA GLY A 339 -19.83 20.75 13.53
C GLY A 339 -18.32 20.86 13.45
N GLY A 340 -17.64 19.73 13.26
CA GLY A 340 -16.18 19.72 13.34
C GLY A 340 -15.76 19.26 14.72
N SER A 341 -14.45 19.14 14.95
CA SER A 341 -13.97 18.54 16.20
C SER A 341 -12.62 19.08 16.65
N TYR A 342 -12.23 18.75 17.87
CA TYR A 342 -10.91 19.14 18.37
C TYR A 342 -10.34 18.02 19.22
N VAL A 343 -9.03 17.79 19.10
CA VAL A 343 -8.33 16.96 20.06
C VAL A 343 -7.19 17.79 20.59
N ALA A 344 -6.65 17.39 21.72
CA ALA A 344 -5.50 18.08 22.31
C ALA A 344 -4.61 17.06 23.00
N LEU A 345 -3.30 17.27 22.94
CA LEU A 345 -2.38 16.27 23.45
C LEU A 345 -1.24 16.95 24.20
N THR A 346 -0.66 16.25 25.18
CA THR A 346 0.54 16.77 25.80
C THR A 346 1.59 15.70 25.89
N ASP A 347 2.81 16.13 26.18
CA ASP A 347 3.93 15.22 26.33
C ASP A 347 4.44 15.13 27.77
N GLY A 348 3.70 15.75 28.70
CA GLY A 348 4.12 15.77 30.10
C GLY A 348 5.40 16.55 30.33
N LEU A 349 5.74 17.46 29.42
CA LEU A 349 6.93 18.29 29.56
C LEU A 349 6.56 19.75 29.40
N GLY A 350 5.26 20.01 29.33
CA GLY A 350 4.81 21.38 29.18
C GLY A 350 4.37 21.75 27.78
N ASN A 351 4.57 20.84 26.82
CA ASN A 351 4.05 21.13 25.50
C ASN A 351 2.58 20.77 25.35
N LEU A 352 1.90 21.49 24.49
CA LEU A 352 0.49 21.25 24.22
C LEU A 352 0.24 21.38 22.73
N THR A 353 -0.46 20.41 22.15
CA THR A 353 -0.90 20.56 20.77
C THR A 353 -2.41 20.44 20.69
N ILE A 354 -3.03 21.28 19.87
CA ILE A 354 -4.47 21.29 19.70
C ILE A 354 -4.76 21.23 18.20
N ILE A 355 -5.63 20.29 17.80
CA ILE A 355 -5.89 20.10 16.37
C ILE A 355 -7.37 20.22 16.11
N ILE A 356 -7.74 21.18 15.28
CA ILE A 356 -9.13 21.49 15.05
C ILE A 356 -9.46 21.34 13.60
N GLU A 357 -10.58 20.68 13.33
CA GLU A 357 -10.97 20.28 12.00
C GLU A 357 -12.44 20.67 11.82
N THR A 358 -12.79 21.25 10.66
CA THR A 358 -14.18 21.60 10.42
C THR A 358 -14.64 21.11 9.08
N MET A 359 -14.24 19.88 8.74
CA MET A 359 -14.56 19.31 7.44
C MET A 359 -16.05 19.17 7.18
N SER A 360 -16.48 19.69 6.03
CA SER A 360 -17.87 19.58 5.63
C SER A 360 -18.14 18.19 5.07
N HIS A 361 -19.40 17.80 5.11
CA HIS A 361 -19.79 16.50 4.67
C HIS A 361 -19.37 16.33 3.21
N GLN A 362 -19.84 17.24 2.38
CA GLN A 362 -19.66 17.15 0.94
C GLN A 362 -18.19 17.14 0.51
N HIS A 363 -17.28 17.61 1.35
CA HIS A 363 -15.87 17.60 1.00
C HIS A 363 -15.00 16.68 1.86
N SER A 364 -15.59 15.65 2.45
CA SER A 364 -14.80 14.75 3.28
C SER A 364 -15.29 13.32 3.23
N MET A 365 -15.97 12.95 2.15
CA MET A 365 -16.55 11.62 2.03
C MET A 365 -15.46 10.55 1.87
N CYS A 366 -15.51 9.52 2.71
CA CYS A 366 -14.64 8.36 2.55
C CYS A 366 -15.42 7.33 1.78
N ILE A 367 -14.74 6.34 1.20
CA ILE A 367 -15.48 5.30 0.53
C ILE A 367 -16.08 4.31 1.52
N ARG A 368 -15.47 4.15 2.69
CA ARG A 368 -15.96 3.17 3.67
C ARG A 368 -15.87 3.71 5.10
N PRO A 369 -17.02 4.06 5.69
CA PRO A 369 -18.37 4.07 5.12
C PRO A 369 -18.73 5.44 4.51
N TYR A 370 -19.87 5.49 3.84
CA TYR A 370 -20.44 6.78 3.45
C TYR A 370 -21.30 7.27 4.62
N LEU A 371 -21.01 8.47 5.12
CA LEU A 371 -21.75 9.05 6.26
C LEU A 371 -23.03 9.76 5.83
N PRO A 372 -24.13 9.52 6.57
CA PRO A 372 -25.31 10.37 6.30
C PRO A 372 -24.91 11.84 6.48
N TYR A 373 -25.58 12.71 5.74
CA TYR A 373 -25.28 14.13 5.82
C TYR A 373 -25.21 14.65 7.28
N TYR A 374 -24.30 15.60 7.50
CA TYR A 374 -24.22 16.34 8.76
C TYR A 374 -23.84 17.78 8.42
N ASN A 375 -24.17 18.70 9.32
CA ASN A 375 -24.06 20.11 9.04
C ASN A 375 -22.79 20.67 9.65
N VAL A 376 -22.11 21.53 8.91
CA VAL A 376 -21.06 22.37 9.47
C VAL A 376 -21.35 23.82 9.06
N SER A 377 -21.15 24.76 9.98
CA SER A 377 -21.40 26.15 9.65
C SER A 377 -20.45 27.06 10.42
N HIS A 378 -20.41 28.34 10.06
CA HIS A 378 -19.49 29.28 10.69
C HIS A 378 -19.75 29.34 12.19
N GLN A 379 -18.67 29.39 12.95
CA GLN A 379 -18.81 29.45 14.39
C GLN A 379 -17.60 30.10 15.00
N LEU A 380 -17.78 30.57 16.22
CA LEU A 380 -16.69 31.08 17.03
C LEU A 380 -16.48 30.01 18.05
N ALA A 381 -15.23 29.73 18.38
CA ALA A 381 -14.97 28.77 19.43
C ALA A 381 -13.96 29.38 20.38
N THR A 382 -14.28 29.32 21.66
CA THR A 382 -13.42 29.87 22.69
C THR A 382 -12.80 28.73 23.43
N PHE A 383 -11.49 28.80 23.66
CA PHE A 383 -10.83 27.74 24.38
C PHE A 383 -10.22 28.30 25.64
N THR A 384 -10.38 27.59 26.74
CA THR A 384 -9.76 28.01 28.00
C THR A 384 -8.88 26.92 28.56
N LEU A 385 -7.64 27.26 28.87
CA LEU A 385 -6.70 26.30 29.41
C LEU A 385 -6.76 26.32 30.92
N LYS A 386 -7.15 25.20 31.52
CA LYS A 386 -7.12 25.07 32.97
C LYS A 386 -5.98 24.14 33.39
N GLY A 387 -5.85 23.92 34.70
CA GLY A 387 -4.79 23.08 35.23
C GLY A 387 -3.40 23.47 34.74
N SER A 388 -2.54 22.48 34.62
CA SER A 388 -1.15 22.71 34.25
C SER A 388 -0.98 23.43 32.92
N LEU A 389 -2.08 23.77 32.29
CA LEU A 389 -2.01 24.36 30.96
C LEU A 389 -2.21 25.85 31.04
N ARG A 390 -2.54 26.32 32.24
CA ARG A 390 -2.85 27.73 32.47
C ARG A 390 -1.63 28.63 32.21
N GLU A 391 -0.45 28.09 32.48
CA GLU A 391 0.79 28.86 32.41
C GLU A 391 1.36 29.01 30.99
N ILE A 392 0.63 28.52 29.99
CA ILE A 392 1.08 28.71 28.61
C ILE A 392 0.66 30.10 28.15
N GLN A 393 1.58 30.85 27.54
CA GLN A 393 1.29 32.22 27.14
C GLN A 393 1.40 32.48 25.64
N GLU A 394 1.79 31.45 24.90
CA GLU A 394 2.12 31.60 23.49
C GLU A 394 1.88 30.27 22.75
N LEU A 395 1.26 30.35 21.58
CA LEU A 395 1.05 29.18 20.74
C LEU A 395 1.36 29.52 19.29
N GLN A 396 2.08 28.63 18.62
CA GLN A 396 2.26 28.75 17.19
C GLN A 396 0.98 28.29 16.49
N VAL A 397 0.70 28.86 15.34
CA VAL A 397 -0.52 28.56 14.64
C VAL A 397 -0.25 28.11 13.21
N TRP A 398 -0.78 26.95 12.85
CA TRP A 398 -0.64 26.41 11.51
C TRP A 398 -2.03 26.20 10.93
N TYR A 399 -2.21 26.56 9.67
CA TYR A 399 -3.55 26.61 9.11
C TYR A 399 -3.61 26.04 7.71
N THR A 400 -4.64 25.23 7.45
CA THR A 400 -4.88 24.72 6.12
C THR A 400 -6.33 24.95 5.73
N LYS A 401 -6.56 25.38 4.51
CA LYS A 401 -7.91 25.51 3.97
C LYS A 401 -8.02 24.63 2.74
N LEU A 402 -9.00 23.73 2.70
CA LEU A 402 -9.11 22.77 1.60
C LEU A 402 -10.15 23.19 0.57
N GLY A 403 -9.87 22.89 -0.71
CA GLY A 403 -10.81 23.14 -1.80
C GLY A 403 -10.54 24.41 -2.58
N GLN A 407 -8.99 26.16 -5.30
CA GLN A 407 -8.22 27.23 -4.66
C GLN A 407 -8.02 27.00 -3.16
N ARG A 408 -6.80 26.59 -2.79
CA ARG A 408 -6.51 26.25 -1.41
C ARG A 408 -5.19 26.81 -0.86
N LEU A 409 -5.07 26.81 0.48
CA LEU A 409 -3.83 27.18 1.19
C LEU A 409 -3.41 26.00 2.07
N HIS A 410 -2.17 25.55 1.93
CA HIS A 410 -1.74 24.34 2.62
C HIS A 410 -0.66 24.57 3.70
N PHE A 411 -0.95 24.16 4.92
CA PHE A 411 0.03 24.18 6.00
C PHE A 411 0.80 25.51 6.11
N LYS A 412 0.07 26.63 6.09
CA LYS A 412 0.67 27.95 6.23
C LYS A 412 0.83 28.32 7.69
N GLN A 413 2.01 28.81 8.07
CA GLN A 413 2.22 29.28 9.46
C GLN A 413 1.70 30.70 9.67
N LEU A 414 0.67 30.85 10.51
CA LEU A 414 0.07 32.16 10.79
C LEU A 414 0.80 32.86 11.92
N ASP A 415 0.29 34.02 12.28
CA ASP A 415 0.86 34.77 13.39
C ASP A 415 0.66 34.04 14.71
N THR A 416 1.72 33.98 15.49
CA THR A 416 1.62 33.50 16.85
C THR A 416 0.42 34.12 17.57
N LEU A 417 -0.29 33.31 18.37
CA LEU A 417 -1.32 33.83 19.26
C LEU A 417 -0.75 34.00 20.65
N TRP A 418 -1.08 35.13 21.28
CA TRP A 418 -0.59 35.40 22.62
C TRP A 418 -1.70 35.30 23.66
N LEU A 419 -1.40 34.65 24.78
CA LEU A 419 -2.36 34.46 25.87
C LEU A 419 -1.86 35.18 27.12
N LEU A 420 -1.31 36.36 26.89
CA LEU A 420 -0.61 37.14 27.91
C LEU A 420 -1.55 37.70 28.98
N ASP A 421 -2.81 37.92 28.61
CA ASP A 421 -3.76 38.57 29.51
C ASP A 421 -3.96 37.85 30.87
N GLY A 422 -3.46 36.63 31.00
CA GLY A 422 -3.62 35.88 32.25
C GLY A 422 -4.90 35.07 32.31
N SER A 423 -5.70 35.14 31.24
CA SER A 423 -6.98 34.44 31.15
C SER A 423 -6.87 32.98 30.69
N GLY A 424 -5.69 32.60 30.20
CA GLY A 424 -5.49 31.28 29.65
C GLY A 424 -6.62 30.95 28.69
N SER A 425 -7.04 31.94 27.92
CA SER A 425 -8.20 31.80 27.04
C SER A 425 -8.04 32.52 25.71
N PHE A 426 -8.72 32.02 24.69
CA PHE A 426 -8.64 32.57 23.34
C PHE A 426 -9.81 32.10 22.48
N THR A 427 -10.06 32.82 21.39
CA THR A 427 -11.19 32.54 20.50
C THR A 427 -10.75 32.49 19.04
N LEU A 428 -11.37 31.63 18.24
CA LEU A 428 -11.10 31.59 16.81
C LEU A 428 -12.38 31.69 15.98
N GLU A 429 -12.26 32.29 14.80
CA GLU A 429 -13.34 32.26 13.82
C GLU A 429 -13.12 31.05 12.94
N LEU A 430 -14.02 30.08 13.04
CA LEU A 430 -13.90 28.89 12.23
C LEU A 430 -14.91 28.91 11.10
N GLU A 431 -14.44 28.55 9.91
CA GLU A 431 -15.33 28.36 8.80
C GLU A 431 -15.31 26.87 8.44
N GLU A 432 -15.76 26.51 7.25
CA GLU A 432 -15.86 25.10 6.90
C GLU A 432 -14.65 24.65 6.12
N ASP A 433 -14.26 23.39 6.32
CA ASP A 433 -13.16 22.77 5.60
C ASP A 433 -11.80 23.34 6.00
N GLU A 434 -11.65 23.73 7.26
CA GLU A 434 -10.35 24.19 7.74
C GLU A 434 -9.74 23.24 8.76
N ILE A 435 -8.42 23.39 8.96
CA ILE A 435 -7.71 22.72 10.04
C ILE A 435 -6.79 23.76 10.63
N PHE A 436 -6.76 23.80 11.95
CA PHE A 436 -5.80 24.65 12.65
C PHE A 436 -5.03 23.72 13.54
N THR A 437 -3.72 23.91 13.61
CA THR A 437 -2.97 23.28 14.68
C THR A 437 -2.37 24.40 15.51
N LEU A 438 -2.56 24.30 16.82
CA LEU A 438 -2.02 25.28 17.76
C LEU A 438 -1.16 24.54 18.73
N THR A 439 0.10 24.90 18.79
CA THR A 439 1.03 24.11 19.53
C THR A 439 2.11 24.99 20.16
N THR A 440 2.69 24.52 21.26
CA THR A 440 3.77 25.23 21.86
C THR A 440 5.07 24.89 21.13
N LEU A 441 5.04 23.85 20.31
CA LEU A 441 6.25 23.40 19.64
C LEU A 441 6.66 24.38 18.55
N THR A 442 7.96 24.63 18.43
CA THR A 442 8.45 25.59 17.46
C THR A 442 9.09 24.95 16.22
N THR A 443 8.99 23.63 16.13
CA THR A 443 9.73 22.89 15.11
C THR A 443 8.99 22.70 13.77
N GLY A 444 7.84 23.30 13.60
CA GLY A 444 7.05 23.03 12.41
C GLY A 444 7.68 23.54 11.14
N ARG A 445 7.50 22.82 10.05
CA ARG A 445 8.07 23.27 8.78
C ARG A 445 7.29 22.76 7.58
N LYS A 446 6.93 23.68 6.69
CA LYS A 446 6.41 23.23 5.40
C LYS A 446 7.57 22.94 4.43
N GLY A 447 8.11 21.73 4.51
CA GLY A 447 9.15 21.28 3.59
C GLY A 447 8.88 21.59 2.14
N SER A 448 9.95 21.86 1.41
CA SER A 448 9.82 22.25 0.03
C SER A 448 11.04 21.83 -0.80
N TYR A 449 10.77 21.18 -1.92
CA TYR A 449 11.74 21.02 -2.98
C TYR A 449 11.18 21.71 -4.19
N PRO A 450 12.04 22.01 -5.16
CA PRO A 450 11.59 22.65 -6.39
C PRO A 450 10.61 21.73 -7.11
N PRO A 451 9.76 22.29 -7.99
CA PRO A 451 8.81 21.41 -8.67
C PRO A 451 9.55 20.35 -9.49
N PRO A 452 8.97 19.16 -9.57
CA PRO A 452 9.61 18.13 -10.35
C PRO A 452 9.16 18.26 -11.80
N PRO A 453 9.82 17.55 -12.72
CA PRO A 453 9.46 17.57 -14.13
C PRO A 453 7.94 17.39 -14.30
N SER A 454 7.39 17.95 -15.36
CA SER A 454 5.96 17.81 -15.63
C SER A 454 5.58 16.37 -15.97
N SER A 455 4.28 16.12 -15.99
CA SER A 455 3.76 14.79 -16.31
C SER A 455 3.98 14.45 -17.77
N LYS A 456 4.27 13.18 -18.04
CA LYS A 456 4.42 12.68 -19.40
C LYS A 456 3.90 11.25 -19.47
N PRO A 457 3.26 10.90 -20.58
CA PRO A 457 2.79 9.52 -20.79
C PRO A 457 3.96 8.55 -20.74
N PHE A 458 3.70 7.29 -20.43
CA PHE A 458 4.69 6.23 -20.59
C PHE A 458 5.29 6.31 -22.00
N PRO A 459 6.60 6.08 -22.14
CA PRO A 459 7.24 6.15 -23.47
C PRO A 459 6.55 5.30 -24.55
N THR A 460 6.32 5.91 -25.72
CA THR A 460 5.61 5.24 -26.81
C THR A 460 6.50 4.24 -27.57
N ASN A 461 7.80 4.32 -27.32
CA ASN A 461 8.72 3.26 -27.70
C ASN A 461 9.51 2.85 -26.46
N TYR A 462 9.57 1.56 -26.17
CA TYR A 462 10.15 1.11 -24.92
C TYR A 462 10.78 -0.28 -25.04
N LYS A 463 11.94 -0.47 -24.46
CA LYS A 463 12.65 -1.74 -24.61
C LYS A 463 13.29 -2.14 -23.29
N ASP A 464 13.28 -3.43 -23.01
CA ASP A 464 14.10 -3.94 -21.90
C ASP A 464 14.69 -5.29 -22.28
N ASP A 465 16.02 -5.37 -22.24
CA ASP A 465 16.73 -6.62 -22.51
C ASP A 465 17.14 -7.30 -21.21
N PHE A 466 16.74 -6.75 -20.06
CA PHE A 466 17.00 -7.36 -18.76
C PHE A 466 18.46 -7.72 -18.50
N ASN A 467 19.39 -7.09 -19.21
CA ASN A 467 20.80 -7.39 -19.03
C ASN A 467 21.42 -6.62 -17.87
N VAL A 468 21.11 -7.07 -16.67
CA VAL A 468 21.64 -6.44 -15.47
C VAL A 468 22.17 -7.57 -14.60
N GLU A 469 23.45 -7.48 -14.25
CA GLU A 469 24.12 -8.61 -13.59
C GLU A 469 23.87 -8.62 -12.11
N TYR A 470 23.90 -7.42 -11.50
CA TYR A 470 23.59 -7.26 -10.07
C TYR A 470 22.46 -6.25 -9.87
N PRO A 471 21.23 -6.63 -10.23
CA PRO A 471 20.18 -5.60 -10.20
C PRO A 471 19.96 -5.06 -8.80
N LEU A 472 19.51 -3.82 -8.70
CA LEU A 472 19.26 -3.24 -7.38
C LEU A 472 17.99 -3.82 -6.77
N PHE A 473 17.02 -4.15 -7.62
CA PHE A 473 15.81 -4.84 -7.17
C PHE A 473 15.64 -6.16 -7.92
N SER A 474 14.82 -7.04 -7.36
CA SER A 474 14.70 -8.39 -7.89
C SER A 474 13.85 -8.43 -9.17
N GLU A 475 13.13 -7.36 -9.48
CA GLU A 475 12.38 -7.33 -10.73
C GLU A 475 12.64 -6.10 -11.60
N ALA A 476 12.42 -6.27 -12.90
CA ALA A 476 12.70 -5.21 -13.86
C ALA A 476 11.68 -4.09 -13.68
N PRO A 477 12.13 -2.83 -13.84
CA PRO A 477 11.29 -1.65 -13.65
C PRO A 477 10.01 -1.71 -14.47
N ASN A 478 8.95 -1.11 -13.94
CA ASN A 478 7.73 -0.94 -14.68
C ASN A 478 6.88 -2.17 -14.94
N PHE A 479 7.43 -3.37 -14.84
CA PHE A 479 6.60 -4.55 -14.99
C PHE A 479 5.81 -4.77 -13.70
N ALA A 480 4.48 -4.69 -13.76
CA ALA A 480 3.68 -4.88 -12.55
C ALA A 480 2.97 -6.22 -12.56
N ASP A 481 3.53 -7.19 -11.85
CA ASP A 481 2.95 -8.53 -11.79
C ASP A 481 1.53 -8.51 -11.19
N GLN A 482 0.59 -9.16 -11.87
CA GLN A 482 -0.82 -9.18 -11.42
C GLN A 482 -1.27 -10.59 -11.04
N THR A 483 -0.52 -11.59 -11.52
CA THR A 483 -0.62 -12.95 -10.97
C THR A 483 0.71 -13.60 -11.32
N GLY A 484 1.26 -14.35 -10.37
CA GLY A 484 2.61 -14.86 -10.53
C GLY A 484 3.64 -13.82 -10.06
N VAL A 485 4.90 -14.20 -10.15
CA VAL A 485 5.98 -13.33 -9.76
C VAL A 485 7.07 -13.46 -10.85
N PHE A 486 7.45 -12.32 -11.42
CA PHE A 486 8.48 -12.27 -12.43
C PHE A 486 9.75 -11.61 -11.89
N GLU A 487 10.90 -12.22 -12.18
CA GLU A 487 12.16 -11.82 -11.55
C GLU A 487 13.31 -11.83 -12.55
N TYR A 488 14.32 -10.99 -12.31
CA TYR A 488 15.54 -11.07 -13.09
C TYR A 488 16.09 -12.47 -12.90
N TYR A 489 16.65 -13.03 -13.96
CA TYR A 489 17.20 -14.37 -13.90
C TYR A 489 18.51 -14.48 -14.67
N MET A 490 19.52 -15.07 -14.05
CA MET A 490 20.80 -15.23 -14.73
C MET A 490 21.04 -16.69 -15.06
N ASN A 491 21.30 -16.97 -16.33
CA ASN A 491 21.56 -18.33 -16.75
C ASN A 491 22.99 -18.45 -17.31
N ASN A 492 23.94 -18.75 -16.45
CA ASN A 492 25.35 -18.88 -16.86
C ASN A 492 25.59 -19.86 -18.00
N GLU A 493 24.64 -20.77 -18.22
CA GLU A 493 24.83 -21.82 -19.20
C GLU A 493 24.34 -21.43 -20.58
N ASP A 494 23.99 -20.17 -20.75
CA ASP A 494 23.62 -19.66 -22.06
C ASP A 494 24.35 -18.33 -22.26
N ARG A 495 24.62 -17.98 -23.51
CA ARG A 495 25.29 -16.73 -23.82
C ARG A 495 24.31 -15.66 -24.31
N GLU A 496 23.48 -16.02 -25.27
CA GLU A 496 22.54 -15.09 -25.90
C GLU A 496 21.41 -14.66 -24.94
N HIS A 497 21.01 -15.57 -24.07
CA HIS A 497 19.96 -15.31 -23.09
C HIS A 497 20.50 -15.53 -21.69
N ARG A 498 21.67 -14.97 -21.41
CA ARG A 498 22.27 -15.11 -20.09
C ARG A 498 21.41 -14.41 -19.05
N PHE A 499 20.79 -13.31 -19.45
CA PHE A 499 20.07 -12.45 -18.52
C PHE A 499 18.63 -12.32 -18.99
N THR A 500 17.69 -12.95 -18.31
CA THR A 500 16.33 -12.88 -18.77
C THR A 500 15.38 -12.45 -17.63
N LEU A 501 14.10 -12.36 -17.93
CA LEU A 501 13.07 -12.26 -16.90
C LEU A 501 12.35 -13.61 -16.81
N ARG A 502 12.17 -14.12 -15.59
CA ARG A 502 11.58 -15.45 -15.38
C ARG A 502 10.38 -15.41 -14.43
N GLN A 503 9.33 -16.15 -14.78
CA GLN A 503 8.19 -16.36 -13.90
C GLN A 503 8.53 -17.52 -12.96
N VAL A 504 8.50 -17.27 -11.66
CA VAL A 504 9.07 -18.20 -10.69
C VAL A 504 8.08 -19.00 -9.83
N LEU A 505 6.79 -18.66 -9.86
CA LEU A 505 5.84 -19.50 -9.09
C LEU A 505 5.59 -20.85 -9.79
N ASN A 506 5.65 -21.95 -9.04
CA ASN A 506 5.27 -23.25 -9.61
C ASN A 506 4.00 -23.84 -9.00
N GLN A 507 3.33 -23.08 -8.14
CA GLN A 507 1.98 -23.45 -7.70
C GLN A 507 1.20 -22.23 -7.21
N ARG A 508 -0.13 -22.30 -7.35
CA ARG A 508 -0.98 -21.22 -6.90
C ARG A 508 -0.73 -20.93 -5.40
N PRO A 509 -0.59 -19.65 -5.06
CA PRO A 509 -0.50 -19.27 -3.64
C PRO A 509 -1.78 -19.59 -2.85
N ILE A 510 -1.70 -19.57 -1.52
CA ILE A 510 -2.88 -19.37 -0.68
C ILE A 510 -3.31 -17.94 -0.93
N THR A 511 -4.27 -17.77 -1.80
CA THR A 511 -4.65 -16.46 -2.32
C THR A 511 -5.49 -15.63 -1.36
N TRP A 512 -5.39 -14.32 -1.52
CA TRP A 512 -6.18 -13.36 -0.77
C TRP A 512 -7.30 -12.88 -1.70
N ALA A 513 -6.90 -12.55 -2.92
CA ALA A 513 -7.78 -12.16 -3.99
C ALA A 513 -8.07 -13.37 -4.86
N ALA A 514 -8.88 -13.19 -5.88
CA ALA A 514 -9.07 -14.23 -6.88
C ALA A 514 -7.97 -14.10 -7.96
N ASP A 515 -6.75 -14.59 -7.68
CA ASP A 515 -5.72 -14.58 -8.72
C ASP A 515 -6.25 -15.24 -9.99
N ALA A 516 -5.74 -14.79 -11.14
CA ALA A 516 -5.93 -15.50 -12.40
C ALA A 516 -5.44 -16.97 -12.36
N SER A 517 -5.90 -17.77 -13.30
CA SER A 517 -5.36 -19.11 -13.51
C SER A 517 -4.08 -19.09 -14.32
N SER A 518 -3.85 -17.97 -15.00
CA SER A 518 -2.61 -17.75 -15.76
C SER A 518 -1.81 -16.63 -15.09
N THR A 519 -0.49 -16.70 -15.12
CA THR A 519 0.32 -15.61 -14.57
C THR A 519 0.39 -14.46 -15.60
N ILE A 520 0.59 -13.25 -15.12
CA ILE A 520 0.59 -12.10 -16.01
C ILE A 520 1.22 -10.90 -15.35
N SER A 521 2.03 -10.19 -16.14
CA SER A 521 2.58 -8.93 -15.67
C SER A 521 2.23 -7.84 -16.71
N VAL A 522 1.79 -6.67 -16.27
CA VAL A 522 1.39 -5.63 -17.22
C VAL A 522 2.35 -4.49 -17.15
N ILE A 523 2.38 -3.71 -18.24
CA ILE A 523 3.33 -2.61 -18.37
C ILE A 523 2.82 -1.58 -19.35
N GLY A 524 3.17 -0.32 -19.13
CA GLY A 524 2.92 0.70 -20.14
C GLY A 524 1.87 1.75 -19.84
N ASP A 525 1.04 2.04 -20.83
CA ASP A 525 0.06 3.11 -20.73
C ASP A 525 -1.31 2.53 -21.00
N HIS A 526 -2.15 2.49 -19.98
CA HIS A 526 -3.51 1.96 -20.09
C HIS A 526 -4.30 2.63 -21.23
N HIS A 527 -3.92 3.85 -21.60
CA HIS A 527 -4.57 4.55 -22.70
C HIS A 527 -4.22 4.00 -24.11
N TRP A 528 -3.11 3.27 -24.22
CA TRP A 528 -2.68 2.75 -25.51
C TRP A 528 -3.79 1.99 -26.19
N THR A 529 -3.90 2.17 -27.49
CA THR A 529 -4.99 1.56 -28.25
C THR A 529 -4.44 0.78 -29.44
N ASN A 530 -3.46 1.33 -30.14
CA ASN A 530 -2.79 0.63 -31.22
C ASN A 530 -1.36 0.40 -30.79
N MET A 531 -0.85 -0.80 -30.95
CA MET A 531 0.44 -1.10 -30.38
C MET A 531 1.00 -2.34 -30.99
N THR A 532 2.32 -2.45 -30.93
CA THR A 532 3.02 -3.64 -31.32
C THR A 532 3.89 -4.06 -30.15
N VAL A 533 3.70 -5.31 -29.73
CA VAL A 533 4.45 -5.87 -28.62
C VAL A 533 5.24 -7.02 -29.15
N GLN A 534 6.51 -7.07 -28.78
CA GLN A 534 7.37 -8.17 -29.19
C GLN A 534 8.18 -8.63 -27.99
N CYS A 535 8.40 -9.94 -27.92
CA CYS A 535 9.19 -10.49 -26.83
C CYS A 535 9.79 -11.84 -27.21
N ASP A 536 10.96 -12.15 -26.69
CA ASP A 536 11.47 -13.52 -26.83
C ASP A 536 10.87 -14.31 -25.66
N VAL A 537 10.40 -15.52 -25.94
CA VAL A 537 9.80 -16.35 -24.88
C VAL A 537 10.37 -17.76 -24.88
N TYR A 538 10.31 -18.40 -23.70
CA TYR A 538 10.88 -19.72 -23.48
C TYR A 538 10.00 -20.51 -22.49
N ILE A 539 9.38 -21.58 -22.98
CA ILE A 539 8.53 -22.45 -22.19
C ILE A 539 9.37 -23.56 -21.53
N GLU A 540 9.35 -23.67 -20.21
CA GLU A 540 10.22 -24.66 -19.53
C GLU A 540 9.57 -26.03 -19.36
N THR A 541 8.25 -26.13 -19.49
CA THR A 541 7.55 -27.38 -19.21
C THR A 541 7.15 -28.16 -20.45
N PRO A 542 7.73 -29.35 -20.64
CA PRO A 542 7.42 -30.09 -21.87
C PRO A 542 5.93 -30.49 -21.98
N ARG A 543 5.42 -30.52 -23.21
CA ARG A 543 4.08 -31.02 -23.55
C ARG A 543 2.97 -30.05 -23.18
N SER A 544 2.96 -29.59 -21.93
CA SER A 544 1.79 -28.89 -21.39
C SER A 544 1.96 -27.38 -21.20
N GLY A 545 3.19 -26.88 -21.34
CA GLY A 545 3.49 -25.49 -21.05
C GLY A 545 3.04 -24.49 -22.12
N GLY A 546 2.84 -23.25 -21.70
CA GLY A 546 2.37 -22.22 -22.59
C GLY A 546 2.71 -20.85 -22.05
N VAL A 547 2.86 -19.90 -22.98
CA VAL A 547 3.14 -18.51 -22.66
C VAL A 547 2.36 -17.62 -23.59
N PHE A 548 2.30 -16.34 -23.25
CA PHE A 548 1.64 -15.38 -24.12
C PHE A 548 2.26 -13.98 -24.07
N ILE A 549 1.91 -13.18 -25.06
CA ILE A 549 2.10 -11.74 -25.01
C ILE A 549 0.72 -11.14 -25.33
N ALA A 550 0.48 -9.93 -24.86
CA ALA A 550 -0.86 -9.37 -24.96
C ALA A 550 -0.80 -7.87 -25.08
N GLY A 551 -1.86 -7.29 -25.62
CA GLY A 551 -2.03 -5.85 -25.67
C GLY A 551 -3.47 -5.52 -25.37
N ARG A 552 -3.74 -4.23 -25.13
CA ARG A 552 -5.08 -3.78 -24.75
C ARG A 552 -5.60 -4.44 -23.48
N VAL A 553 -4.69 -4.84 -22.60
CA VAL A 553 -5.13 -5.45 -21.33
C VAL A 553 -5.75 -4.38 -20.41
N ASN A 554 -7.04 -4.53 -20.09
CA ASN A 554 -7.80 -3.41 -19.53
C ASN A 554 -8.07 -3.41 -18.01
N LYS A 555 -7.81 -4.53 -17.35
CA LYS A 555 -8.05 -4.63 -15.91
C LYS A 555 -6.90 -5.36 -15.24
N GLY A 556 -6.64 -5.03 -13.98
CA GLY A 556 -5.68 -5.78 -13.20
C GLY A 556 -6.04 -5.76 -11.72
N GLY A 557 -5.07 -6.13 -10.91
CA GLY A 557 -5.18 -6.08 -9.47
C GLY A 557 -6.24 -7.05 -9.02
N ILE A 558 -7.02 -6.63 -8.04
CA ILE A 558 -8.15 -7.41 -7.56
C ILE A 558 -9.02 -7.96 -8.68
N LEU A 559 -9.09 -7.22 -9.78
CA LEU A 559 -9.94 -7.61 -10.91
C LEU A 559 -9.22 -8.32 -12.06
N ILE A 560 -7.99 -8.80 -11.82
CA ILE A 560 -7.18 -9.35 -12.90
C ILE A 560 -7.88 -10.50 -13.65
N ARG A 561 -8.65 -11.32 -12.93
CA ARG A 561 -9.43 -12.36 -13.61
C ARG A 561 -10.29 -11.81 -14.73
N SER A 562 -10.71 -10.55 -14.61
CA SER A 562 -11.61 -9.94 -15.57
C SER A 562 -10.91 -9.35 -16.79
N ALA A 563 -9.59 -9.47 -16.87
CA ALA A 563 -8.90 -8.76 -17.95
C ALA A 563 -9.35 -9.23 -19.32
N THR A 564 -9.68 -8.29 -20.19
CA THR A 564 -9.85 -8.58 -21.59
C THR A 564 -8.76 -7.85 -22.37
N GLY A 565 -8.73 -8.04 -23.68
CA GLY A 565 -7.66 -7.52 -24.52
C GLY A 565 -7.41 -8.45 -25.70
N VAL A 566 -6.16 -8.50 -26.17
CA VAL A 566 -5.82 -9.45 -27.22
C VAL A 566 -4.64 -10.26 -26.73
N PHE A 567 -4.85 -11.57 -26.55
CA PHE A 567 -3.82 -12.45 -26.01
C PHE A 567 -3.34 -13.44 -27.06
N PHE A 568 -2.04 -13.45 -27.32
CA PHE A 568 -1.44 -14.33 -28.32
C PHE A 568 -0.70 -15.44 -27.56
N TRP A 569 -1.31 -16.61 -27.44
CA TRP A 569 -0.72 -17.74 -26.72
C TRP A 569 -0.01 -18.70 -27.68
N ILE A 570 1.13 -19.26 -27.25
CA ILE A 570 1.69 -20.43 -27.92
C ILE A 570 1.90 -21.52 -26.86
N PHE A 571 1.77 -22.77 -27.30
CA PHE A 571 1.86 -23.92 -26.39
C PHE A 571 2.87 -24.92 -26.90
N ALA A 572 3.39 -25.69 -25.96
CA ALA A 572 4.48 -26.61 -26.20
C ALA A 572 4.03 -27.87 -26.93
N ASN A 573 2.73 -28.06 -27.10
CA ASN A 573 2.23 -29.15 -27.93
C ASN A 573 2.04 -28.77 -29.42
N GLY A 574 2.59 -27.63 -29.83
CA GLY A 574 2.54 -27.20 -31.20
C GLY A 574 1.26 -26.50 -31.63
N SER A 575 0.73 -25.67 -30.75
CA SER A 575 -0.49 -24.92 -31.06
C SER A 575 -0.38 -23.46 -30.65
N TYR A 576 -1.30 -22.65 -31.16
CA TYR A 576 -1.45 -21.27 -30.74
C TYR A 576 -2.95 -20.94 -30.63
N ARG A 577 -3.24 -19.90 -29.87
CA ARG A 577 -4.59 -19.38 -29.75
C ARG A 577 -4.49 -17.89 -29.62
N VAL A 578 -5.50 -17.22 -30.12
CA VAL A 578 -5.60 -15.79 -29.88
C VAL A 578 -6.91 -15.59 -29.13
N THR A 579 -6.84 -15.05 -27.92
CA THR A 579 -8.08 -14.88 -27.16
C THR A 579 -8.40 -13.42 -26.84
N ALA A 580 -9.66 -13.20 -26.45
CA ALA A 580 -10.14 -11.86 -26.10
C ALA A 580 -10.00 -11.63 -24.60
N ASP A 581 -9.80 -12.71 -23.86
CA ASP A 581 -9.75 -12.63 -22.39
C ASP A 581 -8.61 -13.46 -21.81
N LEU A 582 -8.11 -13.03 -20.66
CA LEU A 582 -7.06 -13.77 -19.98
C LEU A 582 -7.52 -15.20 -19.67
N GLY A 583 -8.80 -15.37 -19.35
CA GLY A 583 -9.34 -16.69 -19.06
C GLY A 583 -9.36 -17.64 -20.27
N GLY A 584 -9.18 -17.08 -21.47
CA GLY A 584 -9.19 -17.88 -22.69
C GLY A 584 -10.54 -18.44 -23.11
N TRP A 585 -11.64 -17.82 -22.70
CA TRP A 585 -12.95 -18.35 -23.03
C TRP A 585 -13.45 -17.88 -24.40
N ILE A 586 -12.93 -16.77 -24.89
CA ILE A 586 -13.37 -16.23 -26.16
C ILE A 586 -12.21 -16.34 -27.17
N THR A 587 -12.44 -17.04 -28.27
CA THR A 587 -11.41 -17.27 -29.27
C THR A 587 -11.50 -16.29 -30.45
N TYR A 588 -10.40 -15.66 -30.80
CA TYR A 588 -10.32 -14.87 -32.02
C TYR A 588 -9.72 -15.71 -33.15
N ALA A 589 -8.85 -16.64 -32.79
CA ALA A 589 -8.15 -17.45 -33.77
C ALA A 589 -7.38 -18.55 -33.05
N SER A 590 -7.13 -19.63 -33.77
CA SER A 590 -6.33 -20.71 -33.21
C SER A 590 -5.88 -21.57 -34.37
N GLY A 591 -4.86 -22.38 -34.12
CA GLY A 591 -4.27 -23.19 -35.16
C GLY A 591 -3.03 -23.87 -34.64
N HIS A 592 -2.22 -24.37 -35.57
CA HIS A 592 -1.00 -25.08 -35.22
C HIS A 592 0.21 -24.22 -35.42
N ALA A 593 1.25 -24.52 -34.66
CA ALA A 593 2.51 -23.80 -34.77
C ALA A 593 3.68 -24.73 -34.51
N ASP A 594 4.80 -24.42 -35.14
CA ASP A 594 6.04 -25.14 -34.87
C ASP A 594 6.65 -24.65 -33.56
N VAL A 595 6.10 -25.14 -32.45
CA VAL A 595 6.46 -24.66 -31.13
C VAL A 595 6.59 -25.84 -30.19
N THR A 596 7.65 -25.84 -29.40
CA THR A 596 7.91 -26.92 -28.47
C THR A 596 8.52 -26.34 -27.17
N ALA A 597 8.62 -27.13 -26.11
CA ALA A 597 9.27 -26.64 -24.88
C ALA A 597 10.80 -26.46 -25.05
N LYS A 598 11.40 -25.62 -24.20
CA LYS A 598 12.84 -25.49 -24.06
C LYS A 598 13.51 -24.95 -25.32
N ARG A 599 12.80 -24.11 -26.06
CA ARG A 599 13.37 -23.42 -27.21
CA ARG A 599 13.36 -23.43 -27.21
C ARG A 599 12.90 -21.97 -27.21
N TRP A 600 13.79 -21.08 -27.61
CA TRP A 600 13.48 -19.66 -27.63
C TRP A 600 12.74 -19.27 -28.90
N TYR A 601 11.62 -18.57 -28.75
CA TYR A 601 10.89 -18.04 -29.90
C TYR A 601 10.68 -16.55 -29.74
N THR A 602 10.69 -15.82 -30.85
CA THR A 602 10.26 -14.42 -30.84
C THR A 602 8.79 -14.30 -31.25
N LEU A 603 7.99 -13.72 -30.36
CA LEU A 603 6.59 -13.45 -30.64
C LEU A 603 6.38 -11.97 -30.95
N THR A 604 5.58 -11.70 -31.97
CA THR A 604 5.20 -10.31 -32.22
C THR A 604 3.69 -10.26 -32.30
N LEU A 605 3.12 -9.21 -31.72
CA LEU A 605 1.67 -9.03 -31.72
C LEU A 605 1.36 -7.60 -32.13
N GLY A 606 0.66 -7.44 -33.24
CA GLY A 606 0.31 -6.12 -33.74
C GLY A 606 -1.20 -5.87 -33.72
N ILE A 607 -1.61 -4.82 -33.03
CA ILE A 607 -3.03 -4.49 -32.93
C ILE A 607 -3.27 -3.07 -33.43
N LYS A 608 -4.15 -2.91 -34.42
CA LYS A 608 -4.51 -1.58 -34.94
C LYS A 608 -5.99 -1.58 -35.34
N GLY A 609 -6.76 -0.70 -34.72
CA GLY A 609 -8.18 -0.62 -34.97
C GLY A 609 -8.83 -1.97 -34.74
N TYR A 610 -9.54 -2.47 -35.74
CA TYR A 610 -10.30 -3.72 -35.66
C TYR A 610 -9.49 -5.01 -35.87
N PHE A 611 -8.21 -4.87 -36.21
CA PHE A 611 -7.45 -6.02 -36.70
C PHE A 611 -6.15 -6.25 -35.99
N ALA A 612 -5.80 -7.51 -35.82
CA ALA A 612 -4.55 -7.88 -35.18
C ALA A 612 -3.80 -8.87 -36.07
N PHE A 613 -2.51 -9.05 -35.79
CA PHE A 613 -1.74 -10.09 -36.47
C PHE A 613 -0.67 -10.59 -35.50
N GLY A 614 -0.22 -11.83 -35.71
CA GLY A 614 0.86 -12.38 -34.90
C GLY A 614 1.99 -12.94 -35.75
N MET A 615 3.21 -12.75 -35.27
CA MET A 615 4.39 -13.30 -35.92
C MET A 615 5.10 -14.28 -34.98
N LEU A 616 5.62 -15.34 -35.56
CA LEU A 616 6.47 -16.29 -34.87
C LEU A 616 7.81 -16.19 -35.56
N ASN A 617 8.83 -15.73 -34.82
CA ASN A 617 10.17 -15.57 -35.39
C ASN A 617 10.15 -14.71 -36.66
N GLY A 618 9.43 -13.59 -36.65
CA GLY A 618 9.44 -12.69 -37.78
C GLY A 618 8.58 -13.11 -38.97
N THR A 619 8.04 -14.32 -38.92
CA THR A 619 7.16 -14.80 -39.99
C THR A 619 5.69 -14.77 -39.56
N ILE A 620 4.83 -14.22 -40.41
CA ILE A 620 3.42 -14.09 -40.09
C ILE A 620 2.74 -15.44 -39.77
N LEU A 621 2.09 -15.52 -38.62
CA LEU A 621 1.42 -16.76 -38.24
C LEU A 621 -0.07 -16.65 -38.50
N TRP A 622 -0.62 -15.47 -38.22
CA TRP A 622 -2.03 -15.14 -38.48
C TRP A 622 -2.09 -13.64 -38.66
N LYS A 623 -3.03 -13.15 -39.47
CA LYS A 623 -3.15 -11.73 -39.72
C LYS A 623 -4.57 -11.33 -40.09
N ASN A 624 -4.83 -10.02 -39.98
CA ASN A 624 -6.16 -9.49 -40.17
C ASN A 624 -7.26 -10.23 -39.40
N VAL A 625 -6.96 -10.59 -38.17
CA VAL A 625 -7.98 -11.19 -37.32
C VAL A 625 -8.77 -10.06 -36.64
N ARG A 626 -10.10 -10.19 -36.66
CA ARG A 626 -10.94 -9.13 -36.13
C ARG A 626 -10.94 -9.19 -34.62
N VAL A 627 -10.76 -8.02 -34.00
CA VAL A 627 -10.77 -7.90 -32.54
C VAL A 627 -11.69 -6.74 -32.14
N LYS A 628 -12.27 -6.81 -30.95
CA LYS A 628 -13.15 -5.75 -30.45
C LYS A 628 -12.46 -4.38 -30.56
N TYR A 629 -13.24 -3.39 -30.99
CA TYR A 629 -12.76 -2.01 -31.04
C TYR A 629 -13.98 -1.09 -30.97
N PRO A 630 -13.83 0.06 -30.31
CA PRO A 630 -12.60 0.49 -29.64
C PRO A 630 -12.29 -0.31 -28.39
N GLY A 631 -11.04 -0.23 -27.96
CA GLY A 631 -10.57 -0.86 -26.74
C GLY A 631 -9.16 -0.35 -26.46
N HIS A 632 -8.72 -0.42 -25.21
CA HIS A 632 -7.40 0.08 -24.85
C HIS A 632 -6.88 -0.57 -23.58
N GLY A 633 -5.58 -0.48 -23.34
CA GLY A 633 -5.00 -1.04 -22.14
C GLY A 633 -3.50 -1.30 -22.25
N TRP A 634 -2.95 -1.96 -21.24
CA TRP A 634 -1.52 -2.25 -21.15
C TRP A 634 -1.06 -3.33 -22.12
N ALA A 635 0.25 -3.38 -22.31
CA ALA A 635 0.90 -4.56 -22.84
C ALA A 635 1.16 -5.52 -21.68
N ALA A 636 1.29 -6.81 -22.00
CA ALA A 636 1.51 -7.82 -20.98
C ALA A 636 2.27 -9.05 -21.51
N ILE A 637 2.87 -9.78 -20.56
CA ILE A 637 3.44 -11.08 -20.83
C ILE A 637 2.96 -12.01 -19.74
N GLY A 638 3.03 -13.33 -20.01
CA GLY A 638 2.73 -14.29 -18.97
C GLY A 638 2.72 -15.74 -19.37
N THR A 639 2.14 -16.57 -18.50
CA THR A 639 2.22 -18.02 -18.66
C THR A 639 0.86 -18.69 -18.46
N HIS A 640 0.69 -19.85 -19.11
CA HIS A 640 -0.62 -20.49 -19.11
C HIS A 640 -1.07 -20.89 -17.72
N THR A 641 -0.17 -21.46 -16.94
CA THR A 641 -0.46 -21.76 -15.54
C THR A 641 0.66 -21.23 -14.64
N PHE A 642 0.70 -21.69 -13.39
CA PHE A 642 1.81 -21.31 -12.51
C PHE A 642 2.95 -22.24 -12.89
N GLU A 643 3.81 -21.79 -13.80
CA GLU A 643 4.88 -22.63 -14.33
C GLU A 643 6.08 -21.75 -14.68
N PHE A 644 7.28 -22.31 -14.61
CA PHE A 644 8.49 -21.61 -15.00
C PHE A 644 8.45 -21.25 -16.49
N ALA A 645 8.88 -20.03 -16.81
CA ALA A 645 8.99 -19.61 -18.19
C ALA A 645 9.92 -18.41 -18.20
N GLN A 646 10.57 -18.19 -19.33
CA GLN A 646 11.46 -17.04 -19.44
C GLN A 646 11.10 -16.10 -20.58
N PHE A 647 11.54 -14.86 -20.43
CA PHE A 647 11.25 -13.79 -21.36
C PHE A 647 12.52 -13.00 -21.55
N ASP A 648 12.71 -12.47 -22.76
CA ASP A 648 13.88 -11.68 -23.07
C ASP A 648 13.63 -10.68 -24.19
N ASN A 649 14.37 -9.57 -24.17
CA ASN A 649 14.30 -8.58 -25.23
C ASN A 649 12.87 -8.10 -25.51
N PHE A 650 12.23 -7.54 -24.50
CA PHE A 650 10.87 -7.08 -24.62
C PHE A 650 10.81 -5.74 -25.33
N ARG A 651 9.86 -5.57 -26.25
CA ARG A 651 9.71 -4.27 -26.92
C ARG A 651 8.24 -3.91 -27.12
N VAL A 652 7.93 -2.63 -27.00
CA VAL A 652 6.59 -2.17 -27.29
C VAL A 652 6.66 -0.81 -27.98
N GLU A 653 5.98 -0.70 -29.12
CA GLU A 653 5.78 0.58 -29.78
C GLU A 653 4.28 0.85 -29.76
N ALA A 654 3.86 1.99 -29.24
CA ALA A 654 2.41 2.21 -29.06
C ALA A 654 1.98 3.60 -29.41
N ALA A 655 0.71 3.73 -29.78
CA ALA A 655 0.08 5.02 -30.00
C ALA A 655 -1.07 5.15 -29.02
N ARG A 656 -1.13 6.31 -28.35
CA ARG A 656 -2.09 6.54 -27.27
C ARG A 656 -3.35 7.24 -27.75
C1 NAG B . -13.90 5.96 25.01
C2 NAG B . -13.65 5.98 26.52
C3 NAG B . -14.76 6.62 27.38
C4 NAG B . -15.61 7.67 26.69
C5 NAG B . -15.67 7.49 25.18
C6 NAG B . -16.16 8.76 24.49
C7 NAG B . -12.43 4.13 27.44
C8 NAG B . -11.23 5.05 27.54
N2 NAG B . -13.57 4.63 27.00
O3 NAG B . -14.13 7.12 28.54
O4 NAG B . -16.94 7.41 27.09
O5 NAG B . -14.43 7.19 24.61
O6 NAG B . -15.94 8.58 23.10
O7 NAG B . -12.35 2.95 27.73
C1 NAG B . -17.62 8.50 27.75
C2 NAG B . -16.87 9.02 29.00
C3 NAG B . -17.52 10.27 29.57
C4 NAG B . -17.97 11.26 28.49
C5 NAG B . -18.75 10.52 27.40
C6 NAG B . -19.27 11.45 26.29
C7 NAG B . -15.90 7.79 30.91
C8 NAG B . -15.38 6.39 31.09
N2 NAG B . -16.89 7.98 30.02
O3 NAG B . -16.62 10.92 30.44
O4 NAG B . -18.81 12.23 29.10
O5 NAG B . -17.90 9.55 26.85
O6 NAG B . -18.24 11.86 25.42
O7 NAG B . -15.42 8.71 31.57
C1 NAG C . 8.51 20.72 24.65
C2 NAG C . 9.16 20.72 26.03
C3 NAG C . 10.69 20.79 25.94
C4 NAG C . 11.23 19.83 24.88
C5 NAG C . 10.45 19.92 23.57
C6 NAG C . 10.92 18.84 22.59
C7 NAG C . 8.51 23.03 26.16
C8 NAG C . 7.27 23.79 26.51
N2 NAG C . 8.70 21.87 26.78
O3 NAG C . 11.23 20.49 27.22
O4 NAG C . 12.61 20.11 24.64
O5 NAG C . 9.07 19.76 23.79
O6 NAG C . 10.82 17.57 23.20
O7 NAG C . 9.30 23.48 25.32
C1 NAG C . 13.41 18.96 24.93
C2 NAG C . 14.83 19.21 24.41
C3 NAG C . 15.88 18.23 24.95
C4 NAG C . 15.64 17.84 26.41
C5 NAG C . 14.17 17.47 26.61
C6 NAG C . 13.90 17.02 28.05
C7 NAG C . 14.61 20.24 22.20
C8 NAG C . 14.13 20.01 20.79
N2 NAG C . 14.81 19.16 22.95
O3 NAG C . 17.17 18.79 24.81
O4 NAG C . 16.48 16.77 26.80
O5 NAG C . 13.37 18.60 26.29
O6 NAG C . 12.82 17.76 28.59
O7 NAG C . 14.77 21.38 22.62
C1 NAG D . -5.53 3.40 -34.04
C2 NAG D . -5.77 4.93 -34.03
C3 NAG D . -7.15 5.27 -34.60
C4 NAG D . -7.35 4.59 -35.95
C5 NAG D . -7.08 3.09 -35.81
C6 NAG D . -7.27 2.36 -37.14
C7 NAG D . -4.57 6.14 -32.28
C8 NAG D . -4.68 6.98 -31.05
N2 NAG D . -5.68 5.51 -32.69
O3 NAG D . -7.35 6.66 -34.71
O4 NAG D . -8.66 4.88 -36.39
O5 NAG D . -5.77 2.87 -35.33
O6 NAG D . -6.28 2.79 -38.03
O7 NAG D . -3.48 6.05 -32.87
C1 NAG D . -8.61 5.41 -37.72
C2 NAG D . -10.02 5.32 -38.27
C3 NAG D . -10.18 6.03 -39.62
C4 NAG D . -9.58 7.43 -39.55
C5 NAG D . -8.13 7.29 -39.11
C6 NAG D . -7.39 8.61 -39.16
C7 NAG D . -11.26 3.38 -37.57
C8 NAG D . -11.68 1.98 -37.91
N2 NAG D . -10.34 3.91 -38.37
O3 NAG D . -11.55 6.09 -39.99
O4 NAG D . -9.69 8.10 -40.79
O5 NAG D . -8.08 6.72 -37.82
O6 NAG D . -7.64 9.35 -37.98
O7 NAG D . -11.73 3.97 -36.59
C1 NAG E . -27.06 23.94 8.60
C2 NAG E . -28.34 24.18 7.77
C3 NAG E . -28.57 25.66 7.50
C4 NAG E . -28.59 26.43 8.84
C5 NAG E . -27.30 26.14 9.61
C6 NAG E . -27.24 26.88 10.96
C7 NAG E . -28.97 22.24 6.41
C8 NAG E . -29.30 21.82 5.00
N2 NAG E . -28.33 23.40 6.53
O3 NAG E . -29.77 25.84 6.76
O4 NAG E . -28.76 27.83 8.68
O5 NAG E . -27.11 24.74 9.79
O6 NAG E . -28.22 26.43 11.87
O7 NAG E . -29.31 21.53 7.37
CA CA F . 18.68 -10.44 -21.96
#